data_7UDE
#
_entry.id   7UDE
#
_cell.length_a   44.280
_cell.length_b   51.180
_cell.length_c   92.590
_cell.angle_alpha   91.900
_cell.angle_beta   103.020
_cell.angle_gamma   109.890
#
_symmetry.space_group_name_H-M   'P 1'
#
loop_
_entity.id
_entity.type
_entity.pdbx_description
1 polymer 'Alcohol dehydrogenase E chain'
2 non-polymer 'ZINC ION'
3 non-polymer 'NICOTINAMIDE-ADENINE-DINUCLEOTIDE (ACIDIC FORM)'
4 non-polymer TRIFLUOROETHANOL
5 non-polymer (4R)-2-METHYLPENTANE-2,4-DIOL
6 water water
#
_entity_poly.entity_id   1
_entity_poly.type   'polypeptide(L)'
_entity_poly.pdbx_seq_one_letter_code
;STAGKVIKCKAAVLWEEKKPFSIEEVEVAPPKAHEVRIKMVATGICRSDDHVVSGTLVTPLPVIAGHEAAGIVESIGEGV
TTVRPGDKVIPLFTPQCGKCRVCKHPEGNFCLKNDLSMPRGTMQDGTSRFTCRGKPIHHFLGTSTFSQYTVVDEISVAKI
DAASPLEKVCLIGCGFSTGYGSAVKVAKVTQGSTCAVFGLGGVGLSVIMGCKAAGAARIIGVDINKDKFAKAKEVGATEC
VNPQDYKKPIQEVLTEMSNGGVDFSFEVIGRLDTMVTALSCCQEAYGVSVIVGVPPDSQNLSMNPMLLLSGRTWKGAIFG
GFKSKDSVPKLVADFMAKKFALDPLITHVLPFEKINEGFDLLRSGESIRTILTF
;
_entity_poly.pdbx_strand_id   A,B
#
loop_
_chem_comp.id
_chem_comp.type
_chem_comp.name
_chem_comp.formula
ETF non-polymer TRIFLUOROETHANOL 'C2 H3 F3 O'
MRD non-polymer (4R)-2-METHYLPENTANE-2,4-DIOL 'C6 H14 O2'
NAJ non-polymer 'NICOTINAMIDE-ADENINE-DINUCLEOTIDE (ACIDIC FORM)' 'C21 H27 N7 O14 P2'
ZN non-polymer 'ZINC ION' 'Zn 2'
#
# COMPACT_ATOMS: atom_id res chain seq x y z
N SER A 1 -14.97 -49.32 3.72
CA SER A 1 -14.57 -50.43 2.83
C SER A 1 -13.31 -50.07 2.02
N THR A 2 -12.83 -48.85 2.06
CA THR A 2 -11.63 -48.41 1.28
C THR A 2 -10.50 -47.91 2.18
N ALA A 3 -10.72 -47.85 3.48
CA ALA A 3 -9.73 -47.28 4.41
C ALA A 3 -8.45 -48.13 4.29
N GLY A 4 -7.31 -47.46 4.16
CA GLY A 4 -5.98 -48.09 4.04
C GLY A 4 -5.67 -48.63 2.66
N LYS A 5 -6.59 -48.52 1.73
CA LYS A 5 -6.44 -49.07 0.37
C LYS A 5 -6.26 -47.97 -0.65
N VAL A 6 -5.53 -48.26 -1.69
CA VAL A 6 -5.51 -47.40 -2.89
C VAL A 6 -6.93 -47.37 -3.45
N ILE A 7 -7.36 -46.17 -3.84
CA ILE A 7 -8.64 -45.97 -4.56
C ILE A 7 -8.34 -45.67 -6.01
N LYS A 8 -8.96 -46.41 -6.91
CA LYS A 8 -8.96 -46.06 -8.33
C LYS A 8 -10.22 -45.23 -8.58
N CYS A 9 -10.08 -44.06 -9.20
CA CYS A 9 -11.24 -43.21 -9.42
C CYS A 9 -10.99 -42.36 -10.66
N LYS A 10 -11.97 -41.61 -11.08
CA LYS A 10 -11.76 -40.69 -12.20
C LYS A 10 -11.27 -39.34 -11.67
N ALA A 11 -10.38 -38.72 -12.44
CA ALA A 11 -9.93 -37.34 -12.21
C ALA A 11 -9.75 -36.64 -13.55
N ALA A 12 -9.64 -35.32 -13.45
CA ALA A 12 -9.34 -34.50 -14.64
C ALA A 12 -7.87 -34.17 -14.59
N VAL A 13 -7.11 -34.84 -15.42
CA VAL A 13 -5.63 -34.67 -15.42
C VAL A 13 -5.27 -33.66 -16.52
N LEU A 14 -4.42 -32.72 -16.16
CA LEU A 14 -3.85 -31.78 -17.13
C LEU A 14 -2.44 -32.22 -17.43
N TRP A 15 -2.28 -32.77 -18.64
CA TRP A 15 -0.96 -33.30 -19.04
C TRP A 15 -0.09 -32.19 -19.65
N GLU A 16 -0.69 -31.17 -20.24
CA GLU A 16 -0.03 -30.17 -21.07
C GLU A 16 -0.77 -28.86 -20.93
N GLU A 17 -0.04 -27.74 -20.97
CA GLU A 17 -0.69 -26.41 -21.03
C GLU A 17 -1.54 -26.30 -22.27
N LYS A 18 -2.57 -25.49 -22.21
CA LYS A 18 -3.37 -25.07 -23.35
C LYS A 18 -4.08 -26.23 -24.03
N LYS A 19 -4.33 -27.29 -23.28
CA LYS A 19 -5.08 -28.47 -23.76
C LYS A 19 -6.27 -28.75 -22.85
N PRO A 20 -7.28 -29.44 -23.38
CA PRO A 20 -8.35 -29.94 -22.54
C PRO A 20 -7.82 -30.82 -21.42
N PHE A 21 -8.55 -30.84 -20.33
CA PHE A 21 -8.36 -31.84 -19.30
C PHE A 21 -8.71 -33.21 -19.86
N SER A 22 -8.03 -34.23 -19.36
CA SER A 22 -8.28 -35.63 -19.66
C SER A 22 -8.99 -36.28 -18.48
N ILE A 23 -10.24 -36.70 -18.67
CA ILE A 23 -10.99 -37.40 -17.62
C ILE A 23 -10.59 -38.85 -17.74
N GLU A 24 -9.85 -39.34 -16.75
CA GLU A 24 -9.35 -40.73 -16.81
C GLU A 24 -9.05 -41.23 -15.41
N GLU A 25 -8.80 -42.54 -15.34
CA GLU A 25 -8.58 -43.20 -14.04
C GLU A 25 -7.23 -42.81 -13.47
N VAL A 26 -7.26 -42.51 -12.18
CA VAL A 26 -6.05 -42.28 -11.38
C VAL A 26 -6.10 -43.23 -10.18
N GLU A 27 -4.95 -43.45 -9.58
CA GLU A 27 -4.84 -44.16 -8.29
C GLU A 27 -4.58 -43.12 -7.23
N VAL A 28 -5.35 -43.17 -6.17
CA VAL A 28 -5.25 -42.24 -5.03
C VAL A 28 -4.77 -43.04 -3.81
N ALA A 29 -3.56 -42.78 -3.35
CA ALA A 29 -2.99 -43.51 -2.22
C ALA A 29 -3.82 -43.21 -0.98
N PRO A 30 -3.75 -44.09 0.02
CA PRO A 30 -4.37 -43.77 1.28
C PRO A 30 -3.61 -42.68 2.03
N PRO A 31 -4.29 -42.00 2.99
CA PRO A 31 -3.66 -40.90 3.69
C PRO A 31 -2.58 -41.40 4.65
N LYS A 32 -1.43 -40.71 4.64
CA LYS A 32 -0.36 -40.90 5.63
C LYS A 32 -0.68 -40.12 6.89
N ALA A 33 0.26 -40.09 7.83
CA ALA A 33 0.03 -39.38 9.10
C ALA A 33 -0.38 -37.93 8.81
N HIS A 34 -1.41 -37.48 9.49
CA HIS A 34 -1.87 -36.08 9.44
C HIS A 34 -2.35 -35.74 8.04
N GLU A 35 -2.93 -36.70 7.33
CA GLU A 35 -3.54 -36.51 6.00
C GLU A 35 -4.95 -37.01 6.04
N VAL A 36 -5.75 -36.52 5.09
CA VAL A 36 -7.20 -36.74 5.04
C VAL A 36 -7.54 -37.07 3.62
N ARG A 37 -8.24 -38.17 3.38
CA ARG A 37 -8.76 -38.51 2.03
C ARG A 37 -10.24 -38.18 1.94
N ILE A 38 -10.59 -37.43 0.92
CA ILE A 38 -11.93 -36.81 0.79
C ILE A 38 -12.59 -37.33 -0.46
N LYS A 39 -13.85 -37.74 -0.34
CA LYS A 39 -14.71 -38.01 -1.49
C LYS A 39 -15.33 -36.69 -1.91
N MET A 40 -15.01 -36.23 -3.11
CA MET A 40 -15.51 -34.90 -3.53
C MET A 40 -16.97 -34.98 -3.89
N VAL A 41 -17.68 -33.91 -3.58
CA VAL A 41 -19.11 -33.78 -3.90
C VAL A 41 -19.34 -32.71 -4.94
N ALA A 42 -18.74 -31.55 -4.78
CA ALA A 42 -18.91 -30.45 -5.75
C ALA A 42 -17.62 -29.66 -5.83
N THR A 43 -17.35 -29.11 -7.02
CA THR A 43 -16.20 -28.21 -7.18
C THR A 43 -16.54 -27.14 -8.17
N GLY A 44 -16.15 -25.90 -7.86
CA GLY A 44 -16.35 -24.78 -8.80
C GLY A 44 -15.19 -24.63 -9.75
N ILE A 45 -15.46 -23.98 -10.85
CA ILE A 45 -14.41 -23.59 -11.81
C ILE A 45 -14.07 -22.13 -11.55
N CYS A 46 -12.89 -21.89 -10.97
CA CYS A 46 -12.36 -20.56 -10.67
C CYS A 46 -11.40 -20.16 -11.81
N ARG A 47 -11.34 -18.90 -12.17
CA ARG A 47 -10.37 -18.46 -13.20
C ARG A 47 -8.96 -18.91 -12.84
N SER A 48 -8.58 -19.05 -11.58
CA SER A 48 -7.21 -19.49 -11.27
C SER A 48 -6.95 -20.90 -11.77
N ASP A 49 -7.97 -21.76 -11.83
CA ASP A 49 -7.77 -23.09 -12.42
C ASP A 49 -7.44 -22.94 -13.91
N ASP A 50 -8.14 -22.05 -14.59
CA ASP A 50 -7.84 -21.73 -16.00
C ASP A 50 -6.43 -21.16 -16.14
N HIS A 51 -5.96 -20.37 -15.17
CA HIS A 51 -4.61 -19.84 -15.23
C HIS A 51 -3.62 -20.99 -15.26
N VAL A 52 -3.87 -22.12 -14.61
CA VAL A 52 -2.94 -23.26 -14.72
C VAL A 52 -2.89 -23.70 -16.17
N VAL A 53 -4.04 -23.83 -16.81
CA VAL A 53 -4.10 -24.27 -18.22
C VAL A 53 -3.32 -23.29 -19.10
N SER A 54 -3.55 -22.00 -18.89
CA SER A 54 -2.98 -20.99 -19.81
C SER A 54 -1.51 -20.70 -19.49
N GLY A 55 -0.95 -21.20 -18.40
CA GLY A 55 0.39 -20.82 -18.00
C GLY A 55 0.50 -19.44 -17.39
N THR A 56 -0.61 -18.83 -17.02
CA THR A 56 -0.63 -17.57 -16.25
C THR A 56 -0.10 -17.87 -14.84
N LEU A 57 -0.58 -18.94 -14.24
CA LEU A 57 -0.16 -19.39 -12.90
C LEU A 57 0.63 -20.65 -13.11
N VAL A 58 1.93 -20.55 -12.89
CA VAL A 58 2.86 -21.69 -13.12
C VAL A 58 2.83 -22.61 -11.92
N THR A 59 2.60 -23.88 -12.21
CA THR A 59 2.68 -24.95 -11.21
C THR A 59 3.15 -26.19 -11.95
N PRO A 60 3.87 -27.13 -11.33
CA PRO A 60 4.38 -28.26 -12.11
C PRO A 60 3.26 -29.11 -12.72
N LEU A 61 3.50 -29.54 -13.96
CA LEU A 61 2.65 -30.45 -14.72
C LEU A 61 3.34 -31.80 -14.81
N PRO A 62 2.62 -32.89 -15.05
CA PRO A 62 1.17 -32.96 -15.12
C PRO A 62 0.55 -32.74 -13.74
N VAL A 63 -0.72 -32.33 -13.71
CA VAL A 63 -1.33 -31.86 -12.44
C VAL A 63 -2.83 -32.20 -12.43
N ILE A 64 -3.33 -32.42 -11.22
CA ILE A 64 -4.77 -32.38 -10.92
C ILE A 64 -5.06 -31.03 -10.29
N ALA A 65 -5.71 -30.15 -11.03
CA ALA A 65 -6.05 -28.81 -10.55
C ALA A 65 -7.36 -28.91 -9.75
N GLY A 66 -7.94 -27.76 -9.50
CA GLY A 66 -9.15 -27.64 -8.66
C GLY A 66 -8.80 -27.27 -7.23
N HIS A 67 -9.45 -26.23 -6.76
CA HIS A 67 -9.18 -25.73 -5.41
C HIS A 67 -10.39 -25.17 -4.69
N GLU A 68 -11.53 -25.07 -5.34
CA GLU A 68 -12.79 -24.49 -4.81
C GLU A 68 -13.78 -25.63 -4.72
N ALA A 69 -13.97 -26.24 -3.55
CA ALA A 69 -14.69 -27.51 -3.49
C ALA A 69 -15.23 -27.82 -2.14
N ALA A 70 -16.04 -28.86 -2.09
CA ALA A 70 -16.54 -29.43 -0.84
C ALA A 70 -16.72 -30.92 -1.03
N GLY A 71 -16.56 -31.66 0.06
CA GLY A 71 -16.72 -33.12 0.01
C GLY A 71 -16.94 -33.72 1.37
N ILE A 72 -16.78 -35.04 1.44
CA ILE A 72 -17.04 -35.84 2.66
C ILE A 72 -15.80 -36.66 2.93
N VAL A 73 -15.33 -36.64 4.15
CA VAL A 73 -14.12 -37.39 4.52
C VAL A 73 -14.40 -38.90 4.34
N GLU A 74 -13.53 -39.56 3.60
CA GLU A 74 -13.56 -41.02 3.39
C GLU A 74 -12.72 -41.68 4.46
N SER A 75 -11.53 -41.16 4.77
CA SER A 75 -10.65 -41.76 5.78
C SER A 75 -9.63 -40.74 6.27
N ILE A 76 -9.09 -41.00 7.44
CA ILE A 76 -8.07 -40.11 8.05
C ILE A 76 -6.83 -40.92 8.34
N GLY A 77 -5.69 -40.29 8.19
CA GLY A 77 -4.42 -40.87 8.58
C GLY A 77 -4.20 -40.78 10.07
N GLU A 78 -3.12 -41.41 10.47
CA GLU A 78 -2.71 -41.45 11.88
C GLU A 78 -2.57 -40.03 12.41
N GLY A 79 -3.13 -39.75 13.56
CA GLY A 79 -2.86 -38.51 14.29
C GLY A 79 -3.79 -37.37 13.91
N VAL A 80 -4.67 -37.58 12.94
CA VAL A 80 -5.66 -36.51 12.60
C VAL A 80 -6.67 -36.34 13.74
N THR A 81 -6.92 -35.11 14.14
CA THR A 81 -7.78 -34.78 15.30
C THR A 81 -8.94 -33.87 14.92
N THR A 82 -8.87 -33.23 13.76
CA THR A 82 -9.81 -32.11 13.47
C THR A 82 -10.95 -32.48 12.52
N VAL A 83 -10.92 -33.65 11.93
CA VAL A 83 -12.00 -34.20 11.09
C VAL A 83 -12.07 -35.70 11.34
N ARG A 84 -13.22 -36.25 11.03
CA ARG A 84 -13.46 -37.69 11.09
C ARG A 84 -14.16 -38.16 9.83
N PRO A 85 -14.06 -39.46 9.51
CA PRO A 85 -14.80 -40.04 8.40
C PRO A 85 -16.28 -39.66 8.50
N GLY A 86 -16.84 -39.28 7.35
CA GLY A 86 -18.23 -38.86 7.23
C GLY A 86 -18.46 -37.37 7.45
N ASP A 87 -17.48 -36.63 7.93
CA ASP A 87 -17.62 -35.17 8.07
C ASP A 87 -17.67 -34.51 6.69
N LYS A 88 -18.51 -33.48 6.61
CA LYS A 88 -18.44 -32.55 5.46
C LYS A 88 -17.25 -31.62 5.68
N VAL A 89 -16.53 -31.36 4.59
CA VAL A 89 -15.28 -30.57 4.64
C VAL A 89 -15.15 -29.69 3.40
N ILE A 90 -14.40 -28.61 3.58
CA ILE A 90 -13.91 -27.78 2.47
C ILE A 90 -12.39 -27.82 2.53
N PRO A 91 -11.73 -28.26 1.42
CA PRO A 91 -10.27 -28.14 1.31
C PRO A 91 -9.87 -26.67 1.30
N LEU A 92 -8.73 -26.41 1.89
CA LEU A 92 -8.20 -25.04 2.10
C LEU A 92 -6.97 -24.86 1.21
N PHE A 93 -7.09 -24.10 0.12
CA PHE A 93 -5.94 -23.87 -0.77
C PHE A 93 -4.90 -22.99 -0.11
N THR A 94 -5.31 -22.20 0.87
CA THR A 94 -4.38 -21.52 1.77
C THR A 94 -4.44 -22.28 3.08
N PRO A 95 -3.40 -22.97 3.51
CA PRO A 95 -3.50 -23.73 4.75
C PRO A 95 -3.54 -22.84 5.97
N GLN A 96 -3.81 -23.44 7.11
CA GLN A 96 -3.66 -22.73 8.40
C GLN A 96 -2.95 -23.70 9.35
N CYS A 97 -1.63 -23.69 9.36
CA CYS A 97 -0.84 -24.59 10.20
C CYS A 97 -1.01 -24.23 11.68
N GLY A 98 -1.33 -22.99 12.00
CA GLY A 98 -1.54 -22.55 13.39
C GLY A 98 -0.25 -22.31 14.13
N LYS A 99 0.92 -22.56 13.55
CA LYS A 99 2.20 -22.57 14.29
C LYS A 99 3.20 -21.54 13.75
N CYS A 100 3.07 -21.12 12.51
CA CYS A 100 4.08 -20.24 11.89
C CYS A 100 3.82 -18.81 12.33
N ARG A 101 4.76 -17.92 12.00
CA ARG A 101 4.62 -16.53 12.46
C ARG A 101 3.39 -15.87 11.83
N VAL A 102 3.03 -16.24 10.62
CA VAL A 102 1.84 -15.67 9.96
C VAL A 102 0.56 -16.15 10.65
N CYS A 103 0.46 -17.45 10.87
CA CYS A 103 -0.72 -17.98 11.56
C CYS A 103 -0.89 -17.36 12.94
N LYS A 104 0.21 -17.08 13.64
CA LYS A 104 0.14 -16.47 14.98
C LYS A 104 -0.15 -14.98 14.92
N HIS A 105 0.01 -14.33 13.78
CA HIS A 105 -0.16 -12.88 13.71
C HIS A 105 -1.63 -12.54 13.61
N PRO A 106 -2.12 -11.47 14.26
CA PRO A 106 -3.56 -11.20 14.22
C PRO A 106 -4.12 -10.90 12.84
N GLU A 107 -3.31 -10.39 11.92
CA GLU A 107 -3.85 -9.98 10.60
CA GLU A 107 -3.78 -9.98 10.56
C GLU A 107 -3.57 -11.09 9.60
C GLU A 107 -3.15 -10.80 9.44
N GLY A 108 -2.40 -11.69 9.69
N GLY A 108 -2.43 -11.82 9.77
CA GLY A 108 -1.87 -12.58 8.66
C GLY A 108 -2.74 -13.75 8.36
N ASN A 109 -2.76 -14.15 7.08
CA ASN A 109 -3.43 -15.39 6.68
C ASN A 109 -2.63 -16.25 5.73
N PHE A 110 -1.60 -15.72 5.09
CA PHE A 110 -0.86 -16.45 4.05
C PHE A 110 0.19 -17.33 4.73
N CYS A 111 -0.34 -18.42 5.30
CA CYS A 111 0.45 -19.40 6.08
C CYS A 111 1.71 -19.79 5.28
N LEU A 112 2.81 -19.92 5.99
CA LEU A 112 4.09 -20.24 5.36
C LEU A 112 4.11 -21.65 4.77
N LYS A 113 3.16 -22.51 5.06
CA LYS A 113 3.08 -23.85 4.44
C LYS A 113 2.37 -23.82 3.09
N ASN A 114 1.96 -22.67 2.62
CA ASN A 114 1.26 -22.59 1.33
C ASN A 114 2.16 -23.12 0.20
N ASP A 115 1.48 -23.53 -0.85
CA ASP A 115 2.11 -23.99 -2.10
C ASP A 115 1.85 -23.02 -3.25
N LEU A 116 1.53 -21.75 -2.94
CA LEU A 116 1.21 -20.76 -3.99
C LEU A 116 2.44 -19.91 -4.33
N SER A 117 3.26 -19.52 -3.36
CA SER A 117 4.34 -18.55 -3.67
CA SER A 117 4.41 -18.60 -3.60
C SER A 117 5.41 -19.22 -4.55
N MET A 118 5.74 -20.46 -4.28
CA MET A 118 6.77 -21.15 -5.09
CA MET A 118 6.80 -21.19 -5.02
C MET A 118 6.27 -22.58 -5.29
N PRO A 119 5.30 -22.77 -6.19
CA PRO A 119 4.61 -24.04 -6.23
C PRO A 119 5.53 -25.22 -6.52
N ARG A 120 5.38 -26.26 -5.70
CA ARG A 120 6.05 -27.56 -5.89
C ARG A 120 5.04 -28.63 -6.34
N GLY A 121 3.75 -28.47 -6.07
CA GLY A 121 2.74 -29.44 -6.54
C GLY A 121 2.85 -30.76 -5.80
N THR A 122 3.09 -30.72 -4.51
CA THR A 122 3.19 -31.93 -3.67
C THR A 122 2.29 -31.77 -2.45
N MET A 123 2.25 -32.84 -1.69
CA MET A 123 1.80 -32.82 -0.29
C MET A 123 2.86 -32.08 0.53
N GLN A 124 2.57 -31.87 1.81
CA GLN A 124 3.53 -31.19 2.70
C GLN A 124 4.81 -32.00 2.76
N ASP A 125 4.77 -33.32 2.67
CA ASP A 125 6.00 -34.17 2.79
C ASP A 125 6.79 -34.24 1.48
N GLY A 126 6.44 -33.47 0.45
CA GLY A 126 7.19 -33.39 -0.80
C GLY A 126 6.91 -34.52 -1.73
N THR A 127 5.88 -35.31 -1.50
CA THR A 127 5.51 -36.45 -2.36
C THR A 127 4.10 -36.27 -2.89
N SER A 128 3.71 -37.10 -3.81
CA SER A 128 2.38 -37.13 -4.43
C SER A 128 1.59 -38.36 -4.04
N ARG A 129 0.29 -38.20 -3.88
CA ARG A 129 -0.65 -39.30 -3.62
C ARG A 129 -1.31 -39.79 -4.90
N PHE A 130 -0.97 -39.22 -6.06
CA PHE A 130 -1.71 -39.53 -7.30
C PHE A 130 -0.78 -40.23 -8.29
N THR A 131 -1.28 -41.26 -8.94
CA THR A 131 -0.62 -41.95 -10.06
C THR A 131 -1.62 -42.02 -11.21
N CYS A 132 -1.16 -41.86 -12.46
CA CYS A 132 -2.03 -42.00 -13.64
C CYS A 132 -1.20 -42.61 -14.74
N ARG A 133 -1.64 -43.72 -15.33
CA ARG A 133 -0.87 -44.42 -16.35
C ARG A 133 0.47 -44.86 -15.78
N GLY A 134 0.54 -45.10 -14.50
CA GLY A 134 1.78 -45.48 -13.83
C GLY A 134 2.72 -44.32 -13.54
N LYS A 135 2.31 -43.08 -13.82
CA LYS A 135 3.18 -41.89 -13.68
C LYS A 135 2.71 -41.05 -12.51
N PRO A 136 3.61 -40.49 -11.67
CA PRO A 136 3.19 -39.59 -10.61
C PRO A 136 2.58 -38.31 -11.20
N ILE A 137 1.50 -37.83 -10.57
CA ILE A 137 0.82 -36.59 -10.99
C ILE A 137 0.91 -35.58 -9.86
N HIS A 138 1.19 -34.33 -10.16
CA HIS A 138 1.29 -33.28 -9.14
C HIS A 138 -0.08 -32.94 -8.57
N HIS A 139 0.00 -32.48 -7.34
CA HIS A 139 -1.07 -31.77 -6.66
C HIS A 139 -1.08 -30.30 -7.05
N PHE A 140 -2.15 -29.59 -6.68
CA PHE A 140 -2.30 -28.16 -6.93
C PHE A 140 -2.79 -27.50 -5.65
N LEU A 141 -1.98 -26.59 -5.13
CA LEU A 141 -2.27 -25.80 -3.91
C LEU A 141 -2.63 -26.70 -2.73
N GLY A 142 -2.11 -27.92 -2.70
CA GLY A 142 -2.44 -28.84 -1.62
C GLY A 142 -3.85 -29.30 -1.63
N THR A 143 -4.61 -29.10 -2.69
CA THR A 143 -6.05 -29.44 -2.71
C THR A 143 -6.38 -30.45 -3.81
N SER A 144 -6.18 -30.13 -5.06
CA SER A 144 -6.46 -31.04 -6.18
C SER A 144 -7.88 -31.58 -6.13
N THR A 145 -8.83 -30.70 -6.37
CA THR A 145 -10.24 -31.03 -6.19
C THR A 145 -10.91 -31.51 -7.47
N PHE A 146 -10.21 -31.51 -8.61
CA PHE A 146 -10.78 -32.07 -9.87
C PHE A 146 -10.57 -33.58 -9.94
N SER A 147 -11.04 -34.27 -8.91
CA SER A 147 -10.88 -35.72 -8.75
C SER A 147 -11.98 -36.23 -7.85
N GLN A 148 -12.47 -37.44 -8.13
CA GLN A 148 -13.52 -38.01 -7.27
C GLN A 148 -13.01 -38.18 -5.84
N TYR A 149 -11.71 -38.43 -5.67
CA TYR A 149 -11.08 -38.48 -4.35
C TYR A 149 -9.79 -37.69 -4.42
N THR A 150 -9.50 -36.99 -3.33
CA THR A 150 -8.21 -36.32 -3.14
C THR A 150 -7.71 -36.63 -1.75
N VAL A 151 -6.43 -36.32 -1.57
CA VAL A 151 -5.77 -36.46 -0.24
C VAL A 151 -5.17 -35.08 0.05
N VAL A 152 -5.44 -34.56 1.23
CA VAL A 152 -4.92 -33.25 1.64
C VAL A 152 -4.26 -33.39 2.98
N ASP A 153 -3.35 -32.51 3.29
CA ASP A 153 -2.80 -32.36 4.65
C ASP A 153 -3.92 -31.85 5.58
N GLU A 154 -3.83 -32.23 6.84
CA GLU A 154 -4.84 -31.79 7.82
C GLU A 154 -4.91 -30.26 7.93
N ILE A 155 -3.78 -29.58 7.78
CA ILE A 155 -3.78 -28.09 7.85
C ILE A 155 -4.47 -27.48 6.63
N SER A 156 -4.83 -28.29 5.63
CA SER A 156 -5.52 -27.83 4.40
C SER A 156 -6.94 -28.37 4.33
N VAL A 157 -7.60 -28.61 5.47
CA VAL A 157 -9.01 -28.99 5.43
C VAL A 157 -9.71 -28.44 6.65
N ALA A 158 -10.96 -28.03 6.46
CA ALA A 158 -11.85 -27.55 7.53
C ALA A 158 -13.12 -28.37 7.55
N LYS A 159 -13.51 -28.81 8.74
CA LYS A 159 -14.82 -29.41 9.00
C LYS A 159 -15.90 -28.32 8.96
N ILE A 160 -17.01 -28.59 8.29
CA ILE A 160 -18.14 -27.66 8.20
C ILE A 160 -19.43 -28.32 8.64
N ASP A 161 -20.46 -27.53 8.75
CA ASP A 161 -21.76 -27.97 9.27
C ASP A 161 -22.21 -29.25 8.54
N ALA A 162 -22.64 -30.25 9.28
CA ALA A 162 -23.15 -31.51 8.71
C ALA A 162 -24.36 -31.29 7.80
N ALA A 163 -25.13 -30.23 7.99
CA ALA A 163 -26.34 -30.01 7.17
C ALA A 163 -26.03 -29.07 6.01
C ALA A 163 -26.09 -29.12 5.96
N SER A 164 -24.76 -28.87 5.67
N SER A 164 -24.87 -28.63 5.78
CA SER A 164 -24.34 -27.91 4.60
CA SER A 164 -24.63 -27.64 4.71
C SER A 164 -24.79 -28.37 3.22
C SER A 164 -24.75 -28.27 3.32
N PRO A 165 -25.26 -27.48 2.33
CA PRO A 165 -25.46 -27.91 0.94
C PRO A 165 -24.18 -27.72 0.15
N LEU A 166 -23.51 -28.85 -0.10
CA LEU A 166 -22.13 -28.82 -0.61
C LEU A 166 -22.05 -28.22 -2.02
N GLU A 167 -23.12 -28.35 -2.78
CA GLU A 167 -23.15 -27.80 -4.15
C GLU A 167 -23.23 -26.27 -4.15
N LYS A 168 -23.48 -25.65 -3.00
CA LYS A 168 -23.42 -24.20 -2.85
C LYS A 168 -22.15 -23.79 -2.12
N VAL A 169 -21.88 -24.42 -0.97
CA VAL A 169 -20.82 -23.92 -0.08
C VAL A 169 -19.42 -24.19 -0.60
N CYS A 170 -19.28 -25.00 -1.63
CA CYS A 170 -17.97 -25.10 -2.30
C CYS A 170 -17.40 -23.73 -2.67
N LEU A 171 -18.25 -22.74 -2.95
CA LEU A 171 -17.80 -21.40 -3.30
C LEU A 171 -17.10 -20.69 -2.15
N ILE A 172 -17.36 -21.09 -0.91
CA ILE A 172 -16.65 -20.55 0.25
C ILE A 172 -15.20 -21.01 0.22
N GLY A 173 -14.89 -22.09 -0.51
CA GLY A 173 -13.49 -22.51 -0.64
C GLY A 173 -12.65 -21.64 -1.54
N CYS A 174 -13.20 -20.70 -2.30
CA CYS A 174 -12.36 -19.72 -2.98
C CYS A 174 -13.11 -18.44 -3.31
N GLY A 175 -13.96 -18.46 -4.31
CA GLY A 175 -14.29 -17.18 -4.92
C GLY A 175 -15.12 -16.26 -4.04
N PHE A 176 -16.15 -16.80 -3.35
CA PHE A 176 -16.95 -15.94 -2.46
C PHE A 176 -16.06 -15.38 -1.34
N SER A 177 -15.38 -16.24 -0.62
CA SER A 177 -14.64 -15.73 0.54
C SER A 177 -13.56 -14.76 0.13
N THR A 178 -12.93 -15.02 -1.00
CA THR A 178 -11.89 -14.11 -1.48
C THR A 178 -12.50 -12.73 -1.73
N GLY A 179 -13.55 -12.67 -2.50
CA GLY A 179 -14.07 -11.35 -2.83
C GLY A 179 -14.66 -10.62 -1.65
N TYR A 180 -15.45 -11.38 -0.88
CA TYR A 180 -16.16 -10.77 0.25
C TYR A 180 -15.15 -10.25 1.29
N GLY A 181 -14.16 -11.11 1.61
CA GLY A 181 -13.14 -10.70 2.58
C GLY A 181 -12.25 -9.59 2.05
N SER A 182 -11.96 -9.55 0.77
CA SER A 182 -11.16 -8.45 0.21
C SER A 182 -11.86 -7.13 0.53
N ALA A 183 -13.18 -7.09 0.47
CA ALA A 183 -13.90 -5.86 0.83
C ALA A 183 -13.96 -5.63 2.34
N VAL A 184 -14.46 -6.63 3.08
CA VAL A 184 -14.83 -6.40 4.50
C VAL A 184 -13.61 -6.46 5.39
N LYS A 185 -12.63 -7.28 5.11
CA LYS A 185 -11.47 -7.53 5.97
C LYS A 185 -10.20 -6.83 5.51
N VAL A 186 -9.90 -6.88 4.23
CA VAL A 186 -8.63 -6.34 3.72
C VAL A 186 -8.76 -4.84 3.46
N ALA A 187 -9.73 -4.43 2.64
CA ALA A 187 -9.95 -2.99 2.45
C ALA A 187 -10.60 -2.33 3.66
N LYS A 188 -11.47 -3.06 4.35
CA LYS A 188 -12.30 -2.49 5.44
C LYS A 188 -13.14 -1.34 4.90
N VAL A 189 -13.93 -1.64 3.89
CA VAL A 189 -14.83 -0.65 3.29
C VAL A 189 -15.72 -0.05 4.38
N THR A 190 -15.94 1.24 4.30
CA THR A 190 -16.70 2.01 5.29
C THR A 190 -18.08 2.37 4.77
N GLN A 191 -18.96 2.60 5.74
CA GLN A 191 -20.33 3.06 5.41
C GLN A 191 -20.27 4.40 4.68
N GLY A 192 -21.01 4.52 3.61
CA GLY A 192 -21.17 5.77 2.85
C GLY A 192 -20.08 5.98 1.82
N SER A 193 -19.15 5.01 1.67
CA SER A 193 -17.96 5.19 0.79
C SER A 193 -18.33 4.90 -0.65
N THR A 194 -17.44 5.29 -1.54
CA THR A 194 -17.51 4.99 -2.97
C THR A 194 -16.44 3.96 -3.30
N CYS A 195 -16.86 2.87 -3.93
CA CYS A 195 -15.97 1.75 -4.30
C CYS A 195 -15.99 1.60 -5.82
N ALA A 196 -14.86 1.17 -6.37
CA ALA A 196 -14.77 0.75 -7.77
C ALA A 196 -14.25 -0.67 -7.82
N VAL A 197 -14.92 -1.55 -8.55
CA VAL A 197 -14.56 -2.97 -8.65
C VAL A 197 -14.24 -3.28 -10.11
N PHE A 198 -12.98 -3.62 -10.38
CA PHE A 198 -12.54 -3.97 -11.73
C PHE A 198 -12.59 -5.47 -11.88
N GLY A 199 -13.49 -5.91 -12.78
CA GLY A 199 -13.73 -7.33 -13.05
C GLY A 199 -14.94 -7.81 -12.34
N LEU A 200 -15.93 -8.29 -13.08
CA LEU A 200 -17.25 -8.66 -12.56
C LEU A 200 -17.54 -10.13 -12.78
N GLY A 201 -16.53 -10.96 -12.58
CA GLY A 201 -16.67 -12.41 -12.46
C GLY A 201 -17.08 -12.83 -11.07
N GLY A 202 -16.95 -14.10 -10.78
CA GLY A 202 -17.40 -14.61 -9.48
C GLY A 202 -16.75 -13.86 -8.34
N VAL A 203 -15.46 -13.60 -8.45
CA VAL A 203 -14.74 -12.95 -7.34
C VAL A 203 -15.16 -11.48 -7.25
N GLY A 204 -15.21 -10.77 -8.39
CA GLY A 204 -15.62 -9.35 -8.37
C GLY A 204 -17.03 -9.18 -7.88
N LEU A 205 -17.94 -10.06 -8.21
CA LEU A 205 -19.33 -10.01 -7.69
C LEU A 205 -19.31 -10.19 -6.19
N SER A 206 -18.43 -11.04 -5.68
CA SER A 206 -18.29 -11.24 -4.25
C SER A 206 -17.73 -10.02 -3.55
N VAL A 207 -16.80 -9.33 -4.20
CA VAL A 207 -16.33 -8.01 -3.72
C VAL A 207 -17.52 -7.06 -3.62
N ILE A 208 -18.34 -6.99 -4.65
CA ILE A 208 -19.52 -6.10 -4.58
C ILE A 208 -20.39 -6.49 -3.41
N MET A 209 -20.65 -7.77 -3.24
CA MET A 209 -21.46 -8.21 -2.09
C MET A 209 -20.85 -7.68 -0.81
N GLY A 210 -19.55 -7.78 -0.64
CA GLY A 210 -18.94 -7.27 0.59
C GLY A 210 -19.01 -5.77 0.71
N CYS A 211 -18.82 -5.03 -0.38
CA CYS A 211 -18.92 -3.57 -0.30
C CYS A 211 -20.35 -3.16 0.10
N LYS A 212 -21.35 -3.85 -0.43
CA LYS A 212 -22.74 -3.54 -0.08
C LYS A 212 -22.97 -3.91 1.39
N ALA A 213 -22.47 -5.03 1.85
CA ALA A 213 -22.62 -5.44 3.25
C ALA A 213 -22.00 -4.43 4.20
N ALA A 214 -20.90 -3.82 3.77
CA ALA A 214 -20.18 -2.82 4.57
C ALA A 214 -20.88 -1.45 4.49
N GLY A 215 -21.89 -1.28 3.66
CA GLY A 215 -22.66 -0.02 3.63
C GLY A 215 -22.15 0.99 2.62
N ALA A 216 -21.36 0.60 1.64
CA ALA A 216 -20.90 1.57 0.64
C ALA A 216 -22.12 2.26 0.04
N ALA A 217 -22.02 3.55 -0.22
CA ALA A 217 -23.08 4.31 -0.91
C ALA A 217 -23.06 4.11 -2.42
N ARG A 218 -21.86 3.97 -2.99
CA ARG A 218 -21.69 3.85 -4.44
C ARG A 218 -20.75 2.70 -4.69
N ILE A 219 -21.10 1.85 -5.63
CA ILE A 219 -20.28 0.71 -6.02
C ILE A 219 -20.26 0.68 -7.53
N ILE A 220 -19.14 1.05 -8.12
CA ILE A 220 -19.03 1.22 -9.59
C ILE A 220 -18.37 -0.06 -10.11
N GLY A 221 -19.09 -0.83 -10.89
CA GLY A 221 -18.48 -2.01 -11.53
C GLY A 221 -17.84 -1.66 -12.83
N VAL A 222 -16.70 -2.24 -13.12
CA VAL A 222 -15.92 -1.94 -14.32
C VAL A 222 -15.64 -3.28 -14.99
N ASP A 223 -16.09 -3.42 -16.25
CA ASP A 223 -15.83 -4.63 -17.02
C ASP A 223 -15.86 -4.24 -18.51
N ILE A 224 -15.03 -4.91 -19.32
CA ILE A 224 -15.09 -4.74 -20.80
C ILE A 224 -16.20 -5.61 -21.39
N ASN A 225 -16.81 -6.50 -20.63
CA ASN A 225 -17.94 -7.31 -21.08
C ASN A 225 -19.22 -6.77 -20.46
N LYS A 226 -20.00 -6.01 -21.22
CA LYS A 226 -21.20 -5.39 -20.69
C LYS A 226 -22.24 -6.45 -20.31
N ASP A 227 -22.14 -7.68 -20.80
CA ASP A 227 -23.08 -8.74 -20.34
C ASP A 227 -22.97 -9.03 -18.86
N LYS A 228 -21.88 -8.59 -18.23
CA LYS A 228 -21.64 -8.83 -16.79
C LYS A 228 -22.39 -7.80 -15.92
N PHE A 229 -22.91 -6.72 -16.50
CA PHE A 229 -23.43 -5.60 -15.72
C PHE A 229 -24.73 -5.92 -15.02
N ALA A 230 -25.63 -6.67 -15.64
CA ALA A 230 -26.94 -6.90 -15.02
C ALA A 230 -26.75 -7.61 -13.66
N LYS A 231 -25.95 -8.67 -13.63
CA LYS A 231 -25.79 -9.40 -12.36
C LYS A 231 -25.05 -8.51 -11.36
N ALA A 232 -24.09 -7.72 -11.79
CA ALA A 232 -23.37 -6.83 -10.88
C ALA A 232 -24.35 -5.89 -10.18
N LYS A 233 -25.29 -5.34 -10.94
CA LYS A 233 -26.29 -4.44 -10.30
C LYS A 233 -27.21 -5.23 -9.38
N GLU A 234 -27.58 -6.48 -9.72
CA GLU A 234 -28.42 -7.28 -8.84
C GLU A 234 -27.77 -7.45 -7.46
N VAL A 235 -26.47 -7.62 -7.42
CA VAL A 235 -25.80 -7.87 -6.11
C VAL A 235 -25.29 -6.60 -5.45
N GLY A 236 -25.49 -5.42 -6.05
CA GLY A 236 -25.22 -4.18 -5.33
C GLY A 236 -24.51 -3.11 -6.10
N ALA A 237 -24.07 -3.32 -7.33
CA ALA A 237 -23.47 -2.21 -8.08
C ALA A 237 -24.49 -1.12 -8.32
N THR A 238 -24.10 0.11 -8.14
CA THR A 238 -24.98 1.26 -8.35
C THR A 238 -24.88 1.73 -9.79
C THR A 238 -24.82 1.81 -9.78
N GLU A 239 -23.83 1.35 -10.48
N GLU A 239 -23.65 1.67 -10.39
CA GLU A 239 -23.58 1.78 -11.86
CA GLU A 239 -23.28 2.06 -11.79
C GLU A 239 -22.42 0.95 -12.36
N CYS A 240 -22.39 0.78 -13.66
CA CYS A 240 -21.35 -0.01 -14.32
C CYS A 240 -20.80 0.76 -15.50
N VAL A 241 -19.51 0.63 -15.73
CA VAL A 241 -18.82 1.30 -16.83
C VAL A 241 -17.96 0.30 -17.58
N ASN A 242 -17.96 0.47 -18.88
CA ASN A 242 -17.11 -0.32 -19.81
C ASN A 242 -16.01 0.61 -20.31
N PRO A 243 -14.73 0.37 -19.98
CA PRO A 243 -13.65 1.24 -20.45
C PRO A 243 -13.64 1.43 -21.99
N GLN A 244 -14.15 0.46 -22.74
CA GLN A 244 -14.12 0.53 -24.21
C GLN A 244 -15.05 1.62 -24.72
N ASP A 245 -15.95 2.11 -23.90
CA ASP A 245 -16.95 3.12 -24.30
C ASP A 245 -16.40 4.53 -24.26
N TYR A 246 -15.24 4.71 -23.66
CA TYR A 246 -14.72 6.05 -23.32
C TYR A 246 -13.46 6.36 -24.13
N LYS A 247 -13.32 7.61 -24.50
CA LYS A 247 -12.10 8.09 -25.17
CA LYS A 247 -12.12 8.11 -25.18
C LYS A 247 -10.97 8.19 -24.13
C LYS A 247 -11.05 8.66 -24.25
N LYS A 248 -11.28 8.60 -22.92
N LYS A 248 -11.23 8.51 -22.94
CA LYS A 248 -10.25 8.86 -21.89
C LYS A 248 -9.99 7.57 -21.12
N PRO A 249 -8.79 7.45 -20.49
CA PRO A 249 -8.51 6.27 -19.70
C PRO A 249 -9.48 6.16 -18.52
N ILE A 250 -9.81 4.94 -18.14
CA ILE A 250 -10.90 4.75 -17.17
C ILE A 250 -10.48 5.32 -15.80
N GLN A 251 -9.18 5.42 -15.47
CA GLN A 251 -8.87 6.03 -14.14
C GLN A 251 -9.34 7.48 -14.15
N GLU A 252 -9.24 8.20 -15.26
CA GLU A 252 -9.70 9.61 -15.34
C GLU A 252 -11.23 9.65 -15.23
N VAL A 253 -11.90 8.76 -15.93
CA VAL A 253 -13.38 8.65 -15.88
C VAL A 253 -13.80 8.43 -14.43
N LEU A 254 -13.21 7.47 -13.75
CA LEU A 254 -13.67 7.14 -12.37
C LEU A 254 -13.33 8.28 -11.43
N THR A 255 -12.19 8.92 -11.61
CA THR A 255 -11.84 10.10 -10.77
C THR A 255 -12.92 11.17 -10.94
N GLU A 256 -13.32 11.44 -12.18
CA GLU A 256 -14.37 12.47 -12.42
CA GLU A 256 -14.40 12.42 -12.50
C GLU A 256 -15.71 12.01 -11.80
N MET A 257 -16.07 10.75 -11.98
CA MET A 257 -17.37 10.27 -11.49
C MET A 257 -17.46 10.38 -9.96
N SER A 258 -16.31 10.19 -9.30
CA SER A 258 -16.23 10.18 -7.83
C SER A 258 -15.81 11.55 -7.29
N ASN A 259 -15.83 12.60 -8.12
CA ASN A 259 -15.50 13.96 -7.68
C ASN A 259 -14.14 13.97 -6.96
N GLY A 260 -13.16 13.30 -7.55
CA GLY A 260 -11.77 13.40 -7.14
C GLY A 260 -11.14 12.08 -6.76
N GLY A 261 -11.78 10.94 -7.00
CA GLY A 261 -11.22 9.62 -6.72
C GLY A 261 -12.08 8.83 -5.75
N VAL A 262 -12.01 7.52 -5.88
CA VAL A 262 -12.84 6.64 -5.03
C VAL A 262 -12.18 6.38 -3.67
N ASP A 263 -12.97 5.94 -2.71
CA ASP A 263 -12.43 5.58 -1.40
C ASP A 263 -11.69 4.25 -1.44
N PHE A 264 -12.25 3.30 -2.18
CA PHE A 264 -11.73 1.93 -2.23
C PHE A 264 -11.82 1.44 -3.67
N SER A 265 -10.75 0.87 -4.19
CA SER A 265 -10.79 0.20 -5.48
C SER A 265 -10.23 -1.22 -5.34
N PHE A 266 -10.63 -2.08 -6.25
CA PHE A 266 -10.30 -3.50 -6.25
C PHE A 266 -9.94 -3.93 -7.66
N GLU A 267 -8.79 -4.56 -7.81
CA GLU A 267 -8.44 -5.18 -9.10
C GLU A 267 -8.77 -6.65 -8.98
N VAL A 268 -9.73 -7.10 -9.77
CA VAL A 268 -10.26 -8.47 -9.67
C VAL A 268 -10.27 -9.13 -11.05
N ILE A 269 -9.15 -8.93 -11.75
CA ILE A 269 -8.99 -9.42 -13.14
C ILE A 269 -7.71 -10.23 -13.26
N GLY A 270 -6.58 -9.62 -12.96
CA GLY A 270 -5.25 -10.23 -13.16
C GLY A 270 -4.48 -9.59 -14.30
N ARG A 271 -4.57 -8.29 -14.47
CA ARG A 271 -3.78 -7.60 -15.49
C ARG A 271 -2.92 -6.55 -14.84
N LEU A 272 -1.68 -6.41 -15.28
CA LEU A 272 -0.77 -5.38 -14.77
C LEU A 272 -1.37 -4.00 -14.98
N ASP A 273 -1.90 -3.75 -16.17
CA ASP A 273 -2.38 -2.38 -16.46
C ASP A 273 -3.57 -2.00 -15.57
N THR A 274 -4.51 -2.92 -15.31
CA THR A 274 -5.64 -2.61 -14.45
C THR A 274 -5.21 -2.54 -12.99
N MET A 275 -4.14 -3.20 -12.58
CA MET A 275 -3.67 -2.98 -11.20
C MET A 275 -3.24 -1.53 -11.04
N VAL A 276 -2.55 -0.97 -12.01
CA VAL A 276 -2.09 0.45 -11.92
C VAL A 276 -3.27 1.40 -12.07
N THR A 277 -4.18 1.12 -12.98
CA THR A 277 -5.39 1.94 -13.18
C THR A 277 -6.21 1.94 -11.88
N ALA A 278 -6.39 0.79 -11.26
CA ALA A 278 -7.21 0.70 -10.04
C ALA A 278 -6.54 1.49 -8.93
N LEU A 279 -5.22 1.45 -8.82
CA LEU A 279 -4.55 2.29 -7.81
C LEU A 279 -4.83 3.76 -8.12
N SER A 280 -4.61 4.17 -9.37
CA SER A 280 -4.69 5.59 -9.74
C SER A 280 -6.08 6.15 -9.47
N CYS A 281 -7.13 5.36 -9.65
CA CYS A 281 -8.51 5.89 -9.51
C CYS A 281 -8.94 6.10 -8.08
N CYS A 282 -8.21 5.57 -7.09
N CYS A 282 -8.13 5.63 -7.15
CA CYS A 282 -8.56 5.88 -5.69
CA CYS A 282 -8.28 5.96 -5.73
C CYS A 282 -7.98 7.24 -5.32
C CYS A 282 -7.98 7.42 -5.48
N GLN A 283 -8.68 7.93 -4.40
N GLN A 283 -8.62 7.93 -4.45
CA GLN A 283 -8.32 9.31 -4.03
C GLN A 283 -6.87 9.37 -3.57
N GLU A 284 -6.15 10.36 -4.05
CA GLU A 284 -4.67 10.37 -3.94
C GLU A 284 -4.15 10.49 -2.52
N ALA A 285 -4.94 11.05 -1.64
CA ALA A 285 -4.53 11.32 -0.25
C ALA A 285 -4.95 10.24 0.72
N TYR A 286 -6.07 9.56 0.49
CA TYR A 286 -6.63 8.63 1.49
C TYR A 286 -7.24 7.38 0.85
N GLY A 287 -7.15 7.24 -0.45
CA GLY A 287 -7.67 6.06 -1.12
C GLY A 287 -6.93 4.79 -0.79
N VAL A 288 -7.66 3.69 -0.95
CA VAL A 288 -7.09 2.33 -0.71
C VAL A 288 -7.39 1.50 -1.95
N SER A 289 -6.41 0.82 -2.49
CA SER A 289 -6.60 -0.13 -3.61
C SER A 289 -6.12 -1.52 -3.20
N VAL A 290 -6.93 -2.51 -3.49
CA VAL A 290 -6.62 -3.91 -3.18
C VAL A 290 -6.47 -4.71 -4.47
N ILE A 291 -5.35 -5.36 -4.61
CA ILE A 291 -5.13 -6.32 -5.73
C ILE A 291 -5.61 -7.69 -5.28
N VAL A 292 -6.54 -8.21 -6.07
CA VAL A 292 -7.09 -9.55 -5.91
C VAL A 292 -6.72 -10.46 -7.09
N GLY A 293 -6.64 -9.92 -8.30
CA GLY A 293 -6.36 -10.75 -9.46
C GLY A 293 -4.95 -11.31 -9.44
N VAL A 294 -4.81 -12.52 -9.97
N VAL A 294 -4.79 -12.39 -10.21
CA VAL A 294 -3.49 -13.22 -10.07
CA VAL A 294 -3.47 -13.05 -10.40
C VAL A 294 -2.77 -12.70 -11.31
C VAL A 294 -3.03 -12.79 -11.83
N PRO A 295 -1.54 -12.16 -11.15
N PRO A 295 -1.92 -12.02 -11.98
CA PRO A 295 -0.82 -11.56 -12.28
CA PRO A 295 -1.41 -11.68 -13.30
C PRO A 295 -0.18 -12.66 -13.11
C PRO A 295 -0.41 -12.70 -13.82
N PRO A 296 0.18 -12.36 -14.37
N PRO A 296 -0.01 -12.53 -15.09
CA PRO A 296 0.86 -13.34 -15.21
CA PRO A 296 0.91 -13.47 -15.73
C PRO A 296 2.25 -13.61 -14.66
C PRO A 296 2.24 -13.63 -14.97
N ASP A 297 2.63 -14.87 -14.78
N ASP A 297 2.63 -14.89 -14.80
CA ASP A 297 3.86 -15.38 -14.12
C ASP A 297 5.07 -14.51 -14.42
N SER A 298 5.73 -14.09 -13.36
CA SER A 298 7.08 -13.49 -13.40
C SER A 298 7.07 -12.13 -14.08
N GLN A 299 5.93 -11.50 -14.34
CA GLN A 299 5.91 -10.18 -15.01
C GLN A 299 5.78 -9.04 -13.99
N ASN A 300 6.55 -8.00 -14.21
CA ASN A 300 6.57 -6.80 -13.37
C ASN A 300 5.68 -5.73 -13.98
N LEU A 301 5.04 -4.96 -13.12
CA LEU A 301 4.32 -3.74 -13.53
C LEU A 301 5.26 -2.55 -13.39
N SER A 302 4.89 -1.47 -14.05
CA SER A 302 5.60 -0.19 -13.95
C SER A 302 4.65 0.85 -13.37
N MET A 303 5.09 1.63 -12.41
CA MET A 303 4.22 2.66 -11.82
C MET A 303 5.06 3.81 -11.27
N ASN A 304 4.42 4.94 -11.12
CA ASN A 304 5.04 6.16 -10.56
C ASN A 304 4.78 6.17 -9.06
N PRO A 305 5.84 6.11 -8.24
CA PRO A 305 5.63 6.05 -6.80
C PRO A 305 5.02 7.33 -6.21
N MET A 306 4.94 8.41 -6.97
CA MET A 306 4.18 9.60 -6.49
C MET A 306 2.71 9.21 -6.23
N LEU A 307 2.19 8.15 -6.86
CA LEU A 307 0.80 7.73 -6.56
C LEU A 307 0.70 7.35 -5.07
N LEU A 308 1.76 6.77 -4.51
CA LEU A 308 1.74 6.38 -3.09
C LEU A 308 2.15 7.56 -2.21
N LEU A 309 3.15 8.34 -2.61
CA LEU A 309 3.67 9.41 -1.74
C LEU A 309 2.58 10.37 -1.30
N SER A 310 1.57 10.63 -2.15
CA SER A 310 0.50 11.55 -1.76
C SER A 310 -0.39 11.00 -0.64
N GLY A 311 -0.39 9.68 -0.43
CA GLY A 311 -1.16 9.11 0.68
C GLY A 311 -1.91 7.84 0.34
N ARG A 312 -1.95 7.39 -0.89
CA ARG A 312 -2.62 6.12 -1.20
C ARG A 312 -2.02 4.95 -0.46
N THR A 313 -2.88 3.96 -0.24
CA THR A 313 -2.51 2.66 0.28
C THR A 313 -2.76 1.62 -0.78
N TRP A 314 -1.80 0.76 -1.01
CA TRP A 314 -1.89 -0.32 -2.00
C TRP A 314 -1.62 -1.63 -1.28
N LYS A 315 -2.51 -2.59 -1.39
CA LYS A 315 -2.29 -3.88 -0.76
C LYS A 315 -2.86 -4.95 -1.61
N GLY A 316 -2.51 -6.18 -1.30
CA GLY A 316 -3.17 -7.32 -1.92
C GLY A 316 -3.47 -8.38 -0.89
N ALA A 317 -4.12 -9.44 -1.30
CA ALA A 317 -4.38 -10.53 -0.37
C ALA A 317 -4.76 -11.78 -1.12
N ILE A 318 -4.49 -12.88 -0.45
CA ILE A 318 -4.97 -14.21 -0.82
C ILE A 318 -6.17 -14.57 0.04
N PHE A 319 -7.18 -15.14 -0.58
CA PHE A 319 -8.34 -15.70 0.14
C PHE A 319 -9.00 -14.63 1.01
N GLY A 320 -9.07 -13.40 0.56
CA GLY A 320 -9.81 -12.36 1.27
C GLY A 320 -9.24 -12.01 2.62
N GLY A 321 -7.98 -12.38 2.88
CA GLY A 321 -7.39 -12.13 4.19
C GLY A 321 -7.86 -13.09 5.26
N PHE A 322 -8.73 -14.04 4.96
CA PHE A 322 -9.25 -14.93 6.01
C PHE A 322 -8.23 -15.96 6.43
N LYS A 323 -8.04 -16.11 7.73
CA LYS A 323 -7.38 -17.29 8.31
C LYS A 323 -8.23 -18.49 7.95
N SER A 324 -7.75 -19.42 7.13
CA SER A 324 -8.68 -20.27 6.39
C SER A 324 -9.45 -21.25 7.28
N LYS A 325 -8.76 -21.98 8.15
CA LYS A 325 -9.38 -23.05 8.92
C LYS A 325 -10.33 -22.45 9.98
N ASP A 326 -9.98 -21.32 10.56
CA ASP A 326 -10.87 -20.63 11.52
C ASP A 326 -12.09 -20.12 10.78
N SER A 327 -11.87 -19.58 9.61
CA SER A 327 -12.93 -18.77 8.97
C SER A 327 -13.92 -19.57 8.16
N VAL A 328 -13.48 -20.59 7.46
CA VAL A 328 -14.39 -21.32 6.55
C VAL A 328 -15.63 -21.88 7.29
N PRO A 329 -15.48 -22.53 8.47
CA PRO A 329 -16.67 -23.05 9.11
C PRO A 329 -17.63 -21.94 9.53
N LYS A 330 -17.10 -20.81 9.96
CA LYS A 330 -17.95 -19.66 10.33
C LYS A 330 -18.68 -19.10 9.12
N LEU A 331 -17.99 -19.00 8.01
CA LEU A 331 -18.64 -18.54 6.77
C LEU A 331 -19.75 -19.49 6.36
N VAL A 332 -19.54 -20.80 6.47
CA VAL A 332 -20.61 -21.77 6.19
C VAL A 332 -21.79 -21.53 7.15
N ALA A 333 -21.51 -21.38 8.42
CA ALA A 333 -22.59 -21.17 9.43
C ALA A 333 -23.36 -19.90 9.06
N ASP A 334 -22.67 -18.83 8.66
CA ASP A 334 -23.32 -17.58 8.27
C ASP A 334 -24.17 -17.78 7.04
N PHE A 335 -23.67 -18.55 6.08
CA PHE A 335 -24.49 -18.84 4.90
C PHE A 335 -25.77 -19.56 5.31
N MET A 336 -25.63 -20.57 6.16
CA MET A 336 -26.82 -21.33 6.59
C MET A 336 -27.83 -20.41 7.26
N ALA A 337 -27.39 -19.38 7.95
CA ALA A 337 -28.25 -18.37 8.60
C ALA A 337 -28.65 -17.24 7.65
N LYS A 338 -28.40 -17.39 6.35
CA LYS A 338 -28.83 -16.44 5.28
C LYS A 338 -28.14 -15.09 5.45
N LYS A 339 -26.92 -15.05 5.96
CA LYS A 339 -26.22 -13.75 6.08
C LYS A 339 -25.65 -13.26 4.76
N PHE A 340 -25.51 -14.13 3.79
CA PHE A 340 -25.12 -13.76 2.41
C PHE A 340 -25.66 -14.85 1.53
N ALA A 341 -25.69 -14.55 0.23
CA ALA A 341 -26.23 -15.42 -0.81
C ALA A 341 -25.09 -15.91 -1.72
N LEU A 342 -25.21 -17.14 -2.16
CA LEU A 342 -24.26 -17.77 -3.11
C LEU A 342 -24.91 -18.01 -4.47
N ASP A 343 -26.22 -18.22 -4.52
CA ASP A 343 -26.91 -18.46 -5.80
C ASP A 343 -26.59 -17.42 -6.88
N PRO A 344 -26.45 -16.10 -6.58
CA PRO A 344 -26.17 -15.17 -7.66
C PRO A 344 -24.86 -15.50 -8.42
N LEU A 345 -23.96 -16.21 -7.78
CA LEU A 345 -22.69 -16.54 -8.43
C LEU A 345 -22.82 -17.75 -9.33
N ILE A 346 -23.82 -18.60 -9.11
CA ILE A 346 -23.90 -19.91 -9.79
C ILE A 346 -24.76 -19.70 -11.03
N THR A 347 -24.16 -19.75 -12.18
CA THR A 347 -24.87 -19.55 -13.45
C THR A 347 -25.08 -20.85 -14.20
N HIS A 348 -24.33 -21.89 -13.90
CA HIS A 348 -24.35 -23.17 -14.63
C HIS A 348 -24.00 -24.30 -13.69
N VAL A 349 -24.62 -25.43 -13.92
CA VAL A 349 -24.34 -26.68 -13.20
C VAL A 349 -24.10 -27.75 -14.24
N LEU A 350 -23.03 -28.52 -14.03
CA LEU A 350 -22.68 -29.63 -14.94
C LEU A 350 -22.19 -30.79 -14.11
N PRO A 351 -22.29 -32.01 -14.65
CA PRO A 351 -21.58 -33.13 -14.03
C PRO A 351 -20.07 -32.91 -14.22
N PHE A 352 -19.29 -33.48 -13.32
CA PHE A 352 -17.83 -33.40 -13.40
C PHE A 352 -17.31 -33.84 -14.76
N GLU A 353 -17.91 -34.87 -15.34
CA GLU A 353 -17.48 -35.41 -16.64
C GLU A 353 -17.52 -34.34 -17.73
N LYS A 354 -18.29 -33.27 -17.55
CA LYS A 354 -18.37 -32.17 -18.52
C LYS A 354 -17.49 -31.00 -18.11
N ILE A 355 -16.40 -31.27 -17.38
CA ILE A 355 -15.48 -30.19 -16.95
C ILE A 355 -14.99 -29.34 -18.14
N ASN A 356 -14.70 -29.94 -19.28
CA ASN A 356 -14.16 -29.13 -20.38
C ASN A 356 -15.22 -28.16 -20.89
N GLU A 357 -16.47 -28.55 -20.95
CA GLU A 357 -17.58 -27.65 -21.30
C GLU A 357 -17.64 -26.53 -20.28
N GLY A 358 -17.42 -26.84 -19.02
CA GLY A 358 -17.40 -25.80 -17.96
C GLY A 358 -16.31 -24.76 -18.20
N PHE A 359 -15.14 -25.21 -18.60
CA PHE A 359 -14.08 -24.25 -18.93
C PHE A 359 -14.40 -23.47 -20.21
N ASP A 360 -15.03 -24.10 -21.17
CA ASP A 360 -15.46 -23.37 -22.38
C ASP A 360 -16.42 -22.25 -21.98
N LEU A 361 -17.33 -22.51 -21.07
CA LEU A 361 -18.30 -21.48 -20.66
C LEU A 361 -17.56 -20.31 -20.01
N LEU A 362 -16.55 -20.58 -19.20
CA LEU A 362 -15.81 -19.50 -18.53
C LEU A 362 -15.08 -18.71 -19.61
N ARG A 363 -14.37 -19.39 -20.50
CA ARG A 363 -13.53 -18.69 -21.50
C ARG A 363 -14.37 -17.87 -22.47
N SER A 364 -15.58 -18.29 -22.77
CA SER A 364 -16.45 -17.55 -23.72
C SER A 364 -17.00 -16.29 -23.08
N GLY A 365 -16.89 -16.12 -21.76
CA GLY A 365 -17.52 -14.99 -21.09
C GLY A 365 -18.92 -15.27 -20.59
C GLY A 365 -18.92 -15.28 -20.57
N GLU A 366 -19.49 -16.43 -20.90
N GLU A 366 -19.46 -16.47 -20.82
CA GLU A 366 -20.89 -16.71 -20.52
CA GLU A 366 -20.91 -16.69 -20.63
C GLU A 366 -21.10 -16.90 -19.03
C GLU A 366 -21.26 -17.22 -19.23
N SER A 367 -20.26 -17.68 -18.39
N SER A 367 -20.30 -17.61 -18.40
CA SER A 367 -20.52 -18.10 -17.01
C SER A 367 -19.93 -17.11 -16.01
N ILE A 368 -20.42 -17.25 -14.79
CA ILE A 368 -19.77 -16.75 -13.58
C ILE A 368 -19.14 -17.97 -12.93
N ARG A 369 -19.87 -18.70 -12.10
CA ARG A 369 -19.41 -20.00 -11.63
C ARG A 369 -20.28 -21.08 -12.22
N THR A 370 -19.56 -22.06 -12.78
CA THR A 370 -20.10 -23.40 -13.04
C THR A 370 -19.70 -24.28 -11.86
N ILE A 371 -20.68 -24.97 -11.31
CA ILE A 371 -20.46 -25.97 -10.24
C ILE A 371 -20.52 -27.35 -10.86
N LEU A 372 -19.47 -28.13 -10.69
CA LEU A 372 -19.38 -29.51 -11.14
C LEU A 372 -19.75 -30.46 -10.00
N THR A 373 -20.63 -31.42 -10.31
CA THR A 373 -21.06 -32.45 -9.35
C THR A 373 -20.47 -33.78 -9.68
N PHE A 374 -19.90 -34.44 -8.71
CA PHE A 374 -19.29 -35.77 -8.84
C PHE A 374 -20.31 -36.87 -8.79
N SER B 1 8.81 51.50 10.17
CA SER B 1 7.66 50.55 10.15
C SER B 1 7.44 50.03 8.74
N THR B 2 6.94 48.80 8.60
CA THR B 2 6.88 48.05 7.30
C THR B 2 5.46 47.70 6.87
N ALA B 3 4.47 47.65 7.76
CA ALA B 3 3.11 47.19 7.44
C ALA B 3 2.54 48.03 6.27
N GLY B 4 1.96 47.35 5.27
CA GLY B 4 1.36 47.96 4.07
C GLY B 4 2.39 48.37 3.04
N LYS B 5 3.66 48.20 3.34
CA LYS B 5 4.76 48.66 2.46
C LYS B 5 5.49 47.48 1.85
N VAL B 6 6.05 47.68 0.69
CA VAL B 6 7.05 46.75 0.13
C VAL B 6 8.25 46.69 1.06
N ILE B 7 8.72 45.51 1.36
CA ILE B 7 10.00 45.33 2.08
C ILE B 7 11.09 44.94 1.10
N LYS B 8 12.23 45.60 1.20
CA LYS B 8 13.46 45.18 0.50
C LYS B 8 14.28 44.41 1.53
N CYS B 9 14.62 43.18 1.20
CA CYS B 9 15.37 42.32 2.13
C CYS B 9 16.27 41.36 1.38
N LYS B 10 17.05 40.63 2.12
CA LYS B 10 17.95 39.64 1.58
C LYS B 10 17.19 38.29 1.41
N ALA B 11 17.45 37.60 0.31
CA ALA B 11 16.93 36.24 0.09
C ALA B 11 17.95 35.44 -0.73
N ALA B 12 17.77 34.11 -0.71
CA ALA B 12 18.61 33.20 -1.51
C ALA B 12 17.80 32.80 -2.73
N VAL B 13 18.15 33.37 -3.88
CA VAL B 13 17.41 33.12 -5.13
C VAL B 13 18.11 32.02 -5.91
N LEU B 14 17.33 31.06 -6.40
CA LEU B 14 17.83 30.00 -7.31
C LEU B 14 17.39 30.37 -8.73
N TRP B 15 18.34 30.83 -9.52
CA TRP B 15 18.02 31.34 -10.87
C TRP B 15 17.89 30.21 -11.88
N GLU B 16 18.64 29.13 -11.70
CA GLU B 16 18.57 27.98 -12.64
C GLU B 16 19.05 26.73 -11.89
N GLU B 17 18.79 25.57 -12.45
CA GLU B 17 19.15 24.30 -11.79
C GLU B 17 20.66 24.20 -11.74
N LYS B 18 21.14 23.46 -10.73
CA LYS B 18 22.54 23.03 -10.58
C LYS B 18 23.48 24.22 -10.51
N LYS B 19 23.05 25.30 -9.88
CA LYS B 19 23.88 26.48 -9.57
C LYS B 19 23.76 26.81 -8.09
N PRO B 20 24.77 27.46 -7.49
CA PRO B 20 24.66 27.95 -6.13
C PRO B 20 23.45 28.90 -6.01
N PHE B 21 22.92 29.03 -4.79
CA PHE B 21 21.94 30.08 -4.49
C PHE B 21 22.65 31.44 -4.60
N SER B 22 21.92 32.47 -5.03
CA SER B 22 22.40 33.86 -5.10
C SER B 22 21.79 34.61 -3.95
N ILE B 23 22.61 35.08 -3.02
CA ILE B 23 22.14 35.87 -1.87
C ILE B 23 22.05 37.35 -2.21
C ILE B 23 22.03 37.25 -2.49
N GLU B 24 20.85 37.87 -2.41
CA GLU B 24 20.71 39.26 -2.87
C GLU B 24 19.39 39.89 -2.48
N GLU B 25 19.25 41.16 -2.77
CA GLU B 25 18.08 41.94 -2.37
C GLU B 25 16.92 41.53 -3.26
N VAL B 26 15.81 41.26 -2.61
CA VAL B 26 14.48 41.06 -3.24
C VAL B 26 13.51 42.08 -2.67
N GLU B 27 12.41 42.26 -3.37
CA GLU B 27 11.27 43.06 -2.89
CA GLU B 27 11.25 43.06 -2.92
C GLU B 27 10.15 42.09 -2.54
N VAL B 28 9.61 42.27 -1.37
CA VAL B 28 8.51 41.45 -0.85
C VAL B 28 7.29 42.35 -0.69
N ALA B 29 6.27 42.06 -1.47
CA ALA B 29 5.01 42.82 -1.45
C ALA B 29 4.34 42.64 -0.10
N PRO B 30 3.49 43.59 0.31
CA PRO B 30 2.69 43.38 1.51
C PRO B 30 1.65 42.30 1.25
N PRO B 31 1.11 41.70 2.33
CA PRO B 31 0.13 40.65 2.19
C PRO B 31 -1.22 41.19 1.72
N LYS B 32 -1.82 40.46 0.81
CA LYS B 32 -3.21 40.69 0.35
C LYS B 32 -4.17 40.03 1.34
N ALA B 33 -5.45 40.01 1.01
CA ALA B 33 -6.48 39.43 1.86
C ALA B 33 -6.07 37.99 2.13
N HIS B 34 -6.22 37.59 3.36
CA HIS B 34 -6.01 36.20 3.82
C HIS B 34 -4.56 35.78 3.56
N GLU B 35 -3.64 36.73 3.63
CA GLU B 35 -2.19 36.44 3.55
C GLU B 35 -1.45 36.99 4.76
N VAL B 36 -0.26 36.44 4.99
CA VAL B 36 0.53 36.69 6.21
C VAL B 36 1.96 36.93 5.79
N ARG B 37 2.55 38.05 6.22
CA ARG B 37 3.98 38.29 5.96
C ARG B 37 4.78 38.02 7.23
N ILE B 38 5.81 37.22 7.07
CA ILE B 38 6.58 36.60 8.19
C ILE B 38 8.05 37.03 8.09
N LYS B 39 8.58 37.52 9.21
CA LYS B 39 10.03 37.73 9.36
C LYS B 39 10.63 36.38 9.79
N MET B 40 11.51 35.82 8.96
CA MET B 40 12.13 34.50 9.22
CA MET B 40 12.05 34.50 9.28
C MET B 40 13.11 34.61 10.39
N VAL B 41 13.14 33.58 11.22
CA VAL B 41 14.13 33.49 12.33
C VAL B 41 15.09 32.33 12.09
N ALA B 42 14.61 31.19 11.64
CA ALA B 42 15.50 30.05 11.38
C ALA B 42 14.88 29.19 10.30
N THR B 43 15.70 28.58 9.47
CA THR B 43 15.24 27.62 8.46
C THR B 43 16.23 26.48 8.34
N GLY B 44 15.73 25.24 8.23
CA GLY B 44 16.55 24.07 8.00
C GLY B 44 16.79 23.83 6.55
N ILE B 45 17.85 23.12 6.28
CA ILE B 45 18.16 22.62 4.92
C ILE B 45 17.71 21.17 4.82
N CYS B 46 16.61 20.96 4.11
CA CYS B 46 16.02 19.64 3.85
C CYS B 46 16.53 19.13 2.51
N ARG B 47 16.71 17.83 2.37
CA ARG B 47 17.12 17.26 1.07
C ARG B 47 16.13 17.68 -0.02
N SER B 48 14.86 17.89 0.28
CA SER B 48 13.91 18.29 -0.77
C SER B 48 14.28 19.65 -1.35
N ASP B 49 14.83 20.56 -0.58
CA ASP B 49 15.34 21.82 -1.16
C ASP B 49 16.47 21.54 -2.14
N ASP B 50 17.37 20.62 -1.80
CA ASP B 50 18.43 20.22 -2.74
C ASP B 50 17.86 19.57 -4.00
N HIS B 51 16.77 18.83 -3.88
CA HIS B 51 16.10 18.24 -5.07
C HIS B 51 15.69 19.34 -6.06
N VAL B 52 15.31 20.51 -5.58
CA VAL B 52 14.97 21.64 -6.50
C VAL B 52 16.24 22.02 -7.26
N VAL B 53 17.36 22.15 -6.56
CA VAL B 53 18.65 22.48 -7.21
C VAL B 53 19.02 21.39 -8.24
N SER B 54 18.86 20.12 -7.89
CA SER B 54 19.41 19.03 -8.73
C SER B 54 18.44 18.71 -9.88
N GLY B 55 17.22 19.25 -9.87
CA GLY B 55 16.17 18.91 -10.86
C GLY B 55 15.49 17.57 -10.57
N THR B 56 15.73 16.97 -9.42
CA THR B 56 14.99 15.77 -8.93
C THR B 56 13.53 16.15 -8.67
N LEU B 57 13.27 17.34 -8.12
CA LEU B 57 11.91 17.87 -7.82
C LEU B 57 11.70 19.10 -8.70
N VAL B 58 10.80 19.00 -9.64
CA VAL B 58 10.51 20.07 -10.61
C VAL B 58 9.54 21.07 -10.00
N THR B 59 9.91 22.35 -10.06
CA THR B 59 9.06 23.46 -9.63
C THR B 59 9.52 24.65 -10.46
N PRO B 60 8.66 25.63 -10.78
CA PRO B 60 9.10 26.72 -11.64
C PRO B 60 10.28 27.51 -11.07
N LEU B 61 11.23 27.85 -11.95
CA LEU B 61 12.40 28.67 -11.60
C LEU B 61 12.24 29.98 -12.39
N PRO B 62 12.83 31.10 -11.93
CA PRO B 62 13.62 31.20 -10.70
C PRO B 62 12.72 31.10 -9.47
N VAL B 63 13.33 30.75 -8.34
CA VAL B 63 12.55 30.42 -7.14
C VAL B 63 13.29 30.84 -5.87
N ILE B 64 12.50 31.16 -4.86
CA ILE B 64 12.95 31.18 -3.45
C ILE B 64 12.50 29.85 -2.80
N ALA B 65 13.45 28.96 -2.59
CA ALA B 65 13.16 27.65 -1.99
C ALA B 65 13.14 27.82 -0.47
N GLY B 66 13.17 26.70 0.24
CA GLY B 66 13.06 26.69 1.70
C GLY B 66 11.62 26.42 2.09
N HIS B 67 11.45 25.44 2.95
CA HIS B 67 10.10 25.06 3.42
C HIS B 67 10.06 24.62 4.88
N GLU B 68 11.22 24.48 5.52
CA GLU B 68 11.32 23.98 6.91
C GLU B 68 11.76 25.18 7.73
N ALA B 69 10.88 25.87 8.45
CA ALA B 69 11.29 27.15 9.04
C ALA B 69 10.37 27.58 10.17
N ALA B 70 10.81 28.62 10.85
CA ALA B 70 10.00 29.31 11.84
C ALA B 70 10.31 30.79 11.85
N GLY B 71 9.31 31.62 12.16
CA GLY B 71 9.52 33.06 12.21
C GLY B 71 8.45 33.74 13.01
N ILE B 72 8.40 35.06 12.81
CA ILE B 72 7.49 35.95 13.56
C ILE B 72 6.67 36.79 12.61
N VAL B 73 5.37 36.81 12.79
CA VAL B 73 4.46 37.57 11.91
C VAL B 73 4.81 39.04 11.96
N GLU B 74 5.08 39.62 10.78
CA GLU B 74 5.30 41.07 10.64
C GLU B 74 3.97 41.77 10.37
N SER B 75 3.10 41.20 9.54
CA SER B 75 1.81 41.87 9.21
C SER B 75 0.83 40.85 8.64
N ILE B 76 -0.45 41.17 8.71
CA ILE B 76 -1.53 40.31 8.20
C ILE B 76 -2.38 41.12 7.22
N GLY B 77 -2.87 40.43 6.21
CA GLY B 77 -3.83 40.99 5.28
C GLY B 77 -5.21 40.97 5.87
N GLU B 78 -6.11 41.63 5.16
CA GLU B 78 -7.53 41.70 5.50
C GLU B 78 -8.02 40.26 5.67
N GLY B 79 -8.81 40.07 6.70
CA GLY B 79 -9.58 38.84 6.87
C GLY B 79 -8.84 37.74 7.59
N VAL B 80 -7.57 37.91 7.93
CA VAL B 80 -6.80 36.90 8.69
C VAL B 80 -7.30 36.87 10.14
N THR B 81 -7.58 35.67 10.64
CA THR B 81 -8.16 35.47 11.99
C THR B 81 -7.28 34.53 12.83
N THR B 82 -6.26 33.87 12.28
CA THR B 82 -5.60 32.74 12.97
C THR B 82 -4.21 33.12 13.50
N VAL B 83 -3.68 34.25 13.07
CA VAL B 83 -2.37 34.76 13.55
C VAL B 83 -2.50 36.28 13.61
N ARG B 84 -1.60 36.86 14.35
CA ARG B 84 -1.51 38.32 14.55
CA ARG B 84 -1.51 38.33 14.51
C ARG B 84 -0.05 38.71 14.50
N PRO B 85 0.25 40.00 14.20
CA PRO B 85 1.61 40.52 14.25
C PRO B 85 2.26 40.20 15.61
N GLY B 86 3.49 39.71 15.55
CA GLY B 86 4.25 39.33 16.72
C GLY B 86 4.18 37.86 17.07
N ASP B 87 3.25 37.12 16.49
CA ASP B 87 3.11 35.68 16.80
C ASP B 87 4.28 34.90 16.21
N LYS B 88 4.77 33.93 16.95
CA LYS B 88 5.64 32.90 16.39
C LYS B 88 4.79 31.98 15.55
N VAL B 89 5.34 31.63 14.40
CA VAL B 89 4.66 30.79 13.40
C VAL B 89 5.63 29.83 12.71
N ILE B 90 5.06 28.74 12.23
CA ILE B 90 5.70 27.80 11.29
C ILE B 90 4.92 27.81 10.01
N PRO B 91 5.57 28.13 8.86
CA PRO B 91 4.92 27.96 7.57
C PRO B 91 4.66 26.48 7.31
N LEU B 92 3.58 26.21 6.62
CA LEU B 92 3.07 24.85 6.37
C LEU B 92 3.20 24.56 4.87
N PHE B 93 4.17 23.72 4.49
CA PHE B 93 4.36 23.42 3.07
C PHE B 93 3.24 22.55 2.52
N THR B 94 2.55 21.84 3.41
CA THR B 94 1.27 21.20 3.12
C THR B 94 0.22 22.05 3.79
N PRO B 95 -0.67 22.72 3.05
CA PRO B 95 -1.65 23.56 3.70
C PRO B 95 -2.74 22.77 4.42
N GLN B 96 -3.58 23.46 5.16
CA GLN B 96 -4.81 22.84 5.69
C GLN B 96 -5.94 23.84 5.49
N CYS B 97 -6.61 23.74 4.35
CA CYS B 97 -7.70 24.68 4.02
C CYS B 97 -8.91 24.42 4.93
N GLY B 98 -9.10 23.22 5.45
CA GLY B 98 -10.25 22.85 6.31
C GLY B 98 -11.55 22.65 5.55
N LYS B 99 -11.57 22.84 4.23
CA LYS B 99 -12.83 22.85 3.43
C LYS B 99 -12.87 21.73 2.41
N CYS B 100 -11.74 21.22 1.95
CA CYS B 100 -11.68 20.25 0.83
C CYS B 100 -12.01 18.87 1.38
N ARG B 101 -12.26 17.93 0.49
CA ARG B 101 -12.64 16.57 0.90
C ARG B 101 -11.53 15.91 1.68
N VAL B 102 -10.28 16.25 1.39
CA VAL B 102 -9.13 15.69 2.12
C VAL B 102 -9.09 16.24 3.52
N CYS B 103 -9.18 17.55 3.69
CA CYS B 103 -9.15 18.19 5.00
C CYS B 103 -10.28 17.66 5.87
N LYS B 104 -11.45 17.36 5.29
CA LYS B 104 -12.62 16.85 6.04
C LYS B 104 -12.51 15.36 6.33
N HIS B 105 -11.59 14.63 5.72
CA HIS B 105 -11.45 13.18 5.90
C HIS B 105 -10.66 12.92 7.16
N PRO B 106 -11.02 11.91 7.97
CA PRO B 106 -10.28 11.71 9.22
C PRO B 106 -8.82 11.35 9.03
N GLU B 107 -8.46 10.73 7.91
CA GLU B 107 -7.08 10.25 7.68
CA GLU B 107 -7.06 10.26 7.74
C GLU B 107 -6.36 11.01 6.55
C GLU B 107 -6.29 11.31 6.94
N GLY B 108 -6.99 11.97 5.95
N GLY B 108 -6.94 11.87 5.92
CA GLY B 108 -6.29 12.68 4.86
C GLY B 108 -5.52 13.84 5.39
N ASN B 109 -4.37 14.14 4.79
CA ASN B 109 -3.67 15.38 5.14
C ASN B 109 -3.18 16.12 3.88
N PHE B 110 -3.22 15.55 2.70
CA PHE B 110 -2.62 16.18 1.50
C PHE B 110 -3.68 17.07 0.86
N CYS B 111 -3.89 18.19 1.52
CA CYS B 111 -4.93 19.17 1.18
C CYS B 111 -4.85 19.49 -0.31
N LEU B 112 -6.02 19.61 -0.93
CA LEU B 112 -6.10 19.87 -2.38
C LEU B 112 -5.53 21.23 -2.77
N LYS B 113 -5.30 22.13 -1.84
CA LYS B 113 -4.68 23.43 -2.12
C LYS B 113 -3.16 23.35 -2.18
N ASN B 114 -2.58 22.18 -2.00
CA ASN B 114 -1.11 22.03 -2.03
C ASN B 114 -0.54 22.47 -3.38
N ASP B 115 0.74 22.82 -3.36
CA ASP B 115 1.49 23.19 -4.57
C ASP B 115 2.56 22.15 -4.89
N LEU B 116 2.40 20.93 -4.41
CA LEU B 116 3.41 19.85 -4.60
C LEU B 116 3.05 18.99 -5.82
N SER B 117 1.80 18.58 -5.98
N SER B 117 1.77 18.68 -6.03
CA SER B 117 1.40 17.65 -7.07
CA SER B 117 1.33 17.71 -7.06
C SER B 117 1.84 18.19 -8.43
C SER B 117 1.38 18.29 -8.48
N MET B 118 1.45 19.44 -8.66
N MET B 118 1.11 19.58 -8.62
CA MET B 118 1.44 20.17 -9.96
CA MET B 118 1.28 20.24 -9.95
C MET B 118 1.91 21.60 -9.72
N PRO B 119 3.20 21.74 -9.39
CA PRO B 119 3.69 23.00 -8.84
C PRO B 119 3.54 24.18 -9.81
N ARG B 120 2.95 25.25 -9.30
CA ARG B 120 2.75 26.56 -9.96
CA ARG B 120 2.82 26.51 -10.03
C ARG B 120 3.79 27.56 -9.45
N GLY B 121 4.25 27.40 -8.21
CA GLY B 121 5.20 28.36 -7.65
C GLY B 121 4.59 29.73 -7.40
N THR B 122 3.35 29.80 -6.96
CA THR B 122 2.67 31.07 -6.67
C THR B 122 1.99 31.03 -5.31
N MET B 123 1.43 32.14 -4.92
CA MET B 123 0.39 32.23 -3.88
C MET B 123 -0.89 31.52 -4.37
N GLN B 124 -1.83 31.35 -3.47
CA GLN B 124 -3.12 30.72 -3.84
C GLN B 124 -3.76 31.50 -5.00
N ASP B 125 -3.58 32.80 -5.09
CA ASP B 125 -4.26 33.63 -6.10
C ASP B 125 -3.54 33.59 -7.44
N GLY B 126 -2.50 32.79 -7.59
CA GLY B 126 -1.82 32.59 -8.88
C GLY B 126 -0.79 33.64 -9.17
N THR B 127 -0.47 34.48 -8.20
CA THR B 127 0.54 35.56 -8.36
C THR B 127 1.67 35.42 -7.36
N SER B 128 2.74 36.14 -7.59
CA SER B 128 3.94 36.13 -6.74
C SER B 128 4.05 37.43 -5.97
N ARG B 129 4.57 37.31 -4.76
CA ARG B 129 4.87 38.48 -3.89
C ARG B 129 6.33 38.90 -3.96
N PHE B 130 7.13 38.22 -4.78
CA PHE B 130 8.59 38.43 -4.85
C PHE B 130 9.03 39.02 -6.19
N THR B 131 9.93 39.98 -6.10
CA THR B 131 10.67 40.41 -7.31
CA THR B 131 10.62 40.61 -7.27
C THR B 131 12.14 40.56 -6.97
N CYS B 132 12.95 40.40 -7.98
CA CYS B 132 14.41 40.46 -7.82
C CYS B 132 14.94 40.95 -9.15
N ARG B 133 15.68 42.07 -9.11
CA ARG B 133 16.27 42.72 -10.29
C ARG B 133 15.16 42.91 -11.34
N GLY B 134 13.99 43.32 -10.87
CA GLY B 134 12.86 43.67 -11.74
C GLY B 134 12.19 42.44 -12.32
N LYS B 135 12.54 41.23 -11.88
CA LYS B 135 11.91 40.01 -12.42
C LYS B 135 11.04 39.38 -11.33
N PRO B 136 9.87 38.84 -11.68
CA PRO B 136 9.11 38.06 -10.73
C PRO B 136 9.84 36.77 -10.33
N ILE B 137 9.77 36.39 -9.07
CA ILE B 137 10.44 35.15 -8.57
C ILE B 137 9.35 34.24 -7.99
N HIS B 138 9.42 32.96 -8.35
CA HIS B 138 8.44 31.98 -7.86
C HIS B 138 8.60 31.71 -6.36
N HIS B 139 7.46 31.35 -5.80
CA HIS B 139 7.33 30.74 -4.46
C HIS B 139 7.64 29.24 -4.58
N PHE B 140 7.83 28.59 -3.44
CA PHE B 140 8.07 27.13 -3.36
C PHE B 140 7.17 26.56 -2.29
N LEU B 141 6.27 25.68 -2.68
CA LEU B 141 5.35 24.98 -1.76
C LEU B 141 4.56 25.97 -0.91
N GLY B 142 4.27 27.16 -1.40
CA GLY B 142 3.54 28.17 -0.62
C GLY B 142 4.28 28.60 0.62
N THR B 143 5.61 28.43 0.67
CA THR B 143 6.38 28.78 1.86
C THR B 143 7.50 29.74 1.52
N SER B 144 8.54 29.32 0.85
CA SER B 144 9.67 30.18 0.43
C SER B 144 10.36 30.80 1.63
N THR B 145 11.05 29.95 2.37
CA THR B 145 11.63 30.34 3.66
C THR B 145 13.11 30.75 3.60
N PHE B 146 13.72 30.68 2.42
CA PHE B 146 15.11 31.14 2.24
C PHE B 146 15.10 32.63 1.91
N SER B 147 14.51 33.42 2.81
CA SER B 147 14.33 34.86 2.66
C SER B 147 14.17 35.45 4.05
N GLN B 148 14.65 36.66 4.26
CA GLN B 148 14.42 37.33 5.54
C GLN B 148 12.94 37.55 5.81
N TYR B 149 12.18 37.74 4.73
CA TYR B 149 10.70 37.87 4.82
C TYR B 149 10.07 37.04 3.72
N THR B 150 8.95 36.42 4.06
CA THR B 150 8.09 35.74 3.08
C THR B 150 6.64 36.14 3.29
N VAL B 151 5.82 35.82 2.30
CA VAL B 151 4.35 35.99 2.39
C VAL B 151 3.74 34.62 2.11
N VAL B 152 2.83 34.21 2.98
CA VAL B 152 2.16 32.92 2.82
C VAL B 152 0.66 33.13 2.92
N ASP B 153 -0.12 32.23 2.33
CA ASP B 153 -1.56 32.17 2.53
C ASP B 153 -1.83 31.75 3.97
N GLU B 154 -2.94 32.20 4.51
CA GLU B 154 -3.32 31.87 5.89
C GLU B 154 -3.39 30.35 6.06
N ILE B 155 -3.88 29.62 5.09
CA ILE B 155 -4.01 28.14 5.21
C ILE B 155 -2.63 27.46 5.26
N SER B 156 -1.55 28.20 5.02
CA SER B 156 -0.15 27.71 5.00
C SER B 156 0.66 28.29 6.16
N VAL B 157 0.02 28.59 7.27
CA VAL B 157 0.77 29.05 8.46
C VAL B 157 0.04 28.60 9.72
N ALA B 158 0.84 28.22 10.71
CA ALA B 158 0.30 27.87 12.05
C ALA B 158 0.96 28.72 13.11
N LYS B 159 0.14 29.21 14.01
CA LYS B 159 0.63 29.88 15.25
C LYS B 159 1.13 28.86 16.26
N ILE B 160 2.29 29.14 16.84
CA ILE B 160 2.89 28.22 17.82
C ILE B 160 3.18 29.01 19.11
N ASP B 161 3.57 28.26 20.12
CA ASP B 161 3.83 28.76 21.47
C ASP B 161 4.75 29.99 21.39
N ALA B 162 4.37 31.07 22.06
CA ALA B 162 5.18 32.31 22.11
C ALA B 162 6.54 32.09 22.75
N ALA B 163 6.69 31.07 23.58
CA ALA B 163 7.98 30.80 24.23
C ALA B 163 8.80 29.77 23.44
C ALA B 163 8.88 29.81 23.49
N SER B 164 8.49 29.51 22.15
N SER B 164 8.43 29.22 22.40
CA SER B 164 9.11 28.44 21.35
CA SER B 164 9.22 28.13 21.77
C SER B 164 10.57 28.79 20.98
C SER B 164 10.48 28.70 21.14
N PRO B 165 11.56 27.88 21.07
N PRO B 165 11.56 27.88 21.11
CA PRO B 165 12.87 28.22 20.52
C PRO B 165 12.88 27.93 19.01
N LEU B 166 12.86 29.00 18.24
CA LEU B 166 12.59 28.86 16.80
C LEU B 166 13.76 28.19 16.07
N GLU B 167 14.96 28.30 16.60
CA GLU B 167 16.14 27.66 16.00
C GLU B 167 16.07 26.15 16.18
N LYS B 168 15.17 25.63 17.00
CA LYS B 168 14.99 24.17 17.10
C LYS B 168 13.67 23.80 16.41
N VAL B 169 12.57 24.48 16.73
CA VAL B 169 11.24 24.00 16.30
C VAL B 169 11.00 24.21 14.83
N CYS B 170 11.87 24.94 14.13
CA CYS B 170 11.77 24.96 12.66
C CYS B 170 11.76 23.55 12.07
N LEU B 171 12.39 22.56 12.71
CA LEU B 171 12.40 21.20 12.18
C LEU B 171 11.02 20.55 12.22
N ILE B 172 10.11 21.03 13.04
CA ILE B 172 8.72 20.56 13.03
C ILE B 172 8.00 21.00 11.74
N GLY B 173 8.56 21.97 11.03
CA GLY B 173 8.04 22.37 9.71
C GLY B 173 8.31 21.34 8.64
N CYS B 174 9.23 20.39 8.78
CA CYS B 174 9.33 19.34 7.77
C CYS B 174 9.92 18.08 8.37
N GLY B 175 11.21 18.05 8.58
CA GLY B 175 11.88 16.76 8.69
C GLY B 175 11.48 15.94 9.91
N PHE B 176 11.41 16.58 11.08
CA PHE B 176 11.02 15.82 12.28
C PHE B 176 9.59 15.28 12.11
N SER B 177 8.66 16.14 11.81
CA SER B 177 7.24 15.75 11.77
C SER B 177 7.04 14.68 10.69
N THR B 178 7.72 14.84 9.57
CA THR B 178 7.60 13.83 8.51
C THR B 178 8.04 12.47 9.01
N GLY B 179 9.23 12.42 9.55
CA GLY B 179 9.72 11.09 9.95
C GLY B 179 8.95 10.49 11.09
N TYR B 180 8.70 11.32 12.10
CA TYR B 180 8.03 10.81 13.31
C TYR B 180 6.62 10.33 12.95
N GLY B 181 5.89 11.15 12.21
CA GLY B 181 4.53 10.79 11.79
C GLY B 181 4.51 9.58 10.89
N SER B 182 5.49 9.47 9.99
CA SER B 182 5.54 8.28 9.10
C SER B 182 5.55 7.01 9.95
N ALA B 183 6.26 7.01 11.07
CA ALA B 183 6.26 5.86 11.98
C ALA B 183 4.96 5.77 12.78
N VAL B 184 4.62 6.83 13.51
CA VAL B 184 3.55 6.69 14.53
C VAL B 184 2.15 6.77 13.93
N LYS B 185 1.98 7.48 12.84
CA LYS B 185 0.65 7.75 12.28
C LYS B 185 0.41 6.98 10.98
N VAL B 186 1.38 6.97 10.06
CA VAL B 186 1.16 6.36 8.74
C VAL B 186 1.36 4.85 8.88
N ALA B 187 2.54 4.41 9.32
CA ALA B 187 2.79 2.97 9.52
C ALA B 187 1.99 2.43 10.71
N LYS B 188 1.85 3.23 11.76
CA LYS B 188 1.28 2.78 13.04
C LYS B 188 2.12 1.63 13.60
N VAL B 189 3.39 1.90 13.73
CA VAL B 189 4.34 0.91 14.30
C VAL B 189 3.79 0.41 15.64
N THR B 190 3.90 -0.90 15.87
CA THR B 190 3.41 -1.55 17.07
C THR B 190 4.52 -1.86 18.05
N GLN B 191 4.10 -2.03 19.30
CA GLN B 191 5.03 -2.43 20.37
C GLN B 191 5.60 -3.82 20.06
N GLY B 192 6.90 -3.96 20.22
CA GLY B 192 7.59 -5.25 20.09
C GLY B 192 7.95 -5.59 18.65
N SER B 193 7.64 -4.70 17.72
CA SER B 193 7.84 -4.99 16.29
C SER B 193 9.29 -4.78 15.86
N THR B 194 9.61 -5.26 14.67
CA THR B 194 10.89 -5.04 14.00
C THR B 194 10.68 -4.08 12.85
N CYS B 195 11.48 -3.04 12.83
CA CYS B 195 11.41 -1.99 11.79
C CYS B 195 12.73 -1.96 11.04
N ALA B 196 12.68 -1.58 9.76
CA ALA B 196 13.88 -1.26 8.96
C ALA B 196 13.71 0.13 8.38
N VAL B 197 14.74 0.95 8.53
CA VAL B 197 14.69 2.35 8.08
C VAL B 197 15.81 2.55 7.09
N PHE B 198 15.43 2.84 5.84
CA PHE B 198 16.39 3.06 4.77
C PHE B 198 16.64 4.54 4.61
N GLY B 199 17.87 4.95 4.94
CA GLY B 199 18.25 6.37 4.89
C GLY B 199 18.28 6.94 6.27
N LEU B 200 19.45 7.40 6.72
CA LEU B 200 19.67 7.85 8.12
C LEU B 200 20.04 9.33 8.14
N GLY B 201 19.38 10.12 7.29
CA GLY B 201 19.45 11.58 7.36
C GLY B 201 18.47 12.12 8.38
N GLY B 202 18.18 13.40 8.33
CA GLY B 202 17.30 14.02 9.32
C GLY B 202 15.94 13.35 9.36
N VAL B 203 15.39 13.02 8.20
CA VAL B 203 14.05 12.42 8.17
C VAL B 203 14.14 10.96 8.67
N GLY B 204 15.10 10.19 8.24
CA GLY B 204 15.22 8.81 8.71
C GLY B 204 15.48 8.71 10.19
N LEU B 205 16.27 9.61 10.74
CA LEU B 205 16.48 9.61 12.21
C LEU B 205 15.16 9.91 12.90
N SER B 206 14.33 10.76 12.35
CA SER B 206 13.03 11.08 12.95
C SER B 206 12.09 9.87 12.85
N VAL B 207 12.17 9.10 11.77
CA VAL B 207 11.48 7.79 11.69
C VAL B 207 11.95 6.88 12.84
N ILE B 208 13.25 6.79 13.06
CA ILE B 208 13.75 5.95 14.18
C ILE B 208 13.14 6.47 15.47
N MET B 209 13.20 7.75 15.72
CA MET B 209 12.60 8.33 16.95
C MET B 209 11.18 7.85 17.10
N GLY B 210 10.38 7.89 16.03
CA GLY B 210 8.98 7.45 16.11
C GLY B 210 8.84 5.97 16.34
N CYS B 211 9.65 5.17 15.69
CA CYS B 211 9.61 3.72 15.91
C CYS B 211 9.94 3.39 17.36
N LYS B 212 10.92 4.07 17.96
CA LYS B 212 11.28 3.84 19.37
C LYS B 212 10.12 4.31 20.24
N ALA B 213 9.52 5.47 19.94
CA ALA B 213 8.41 5.99 20.77
C ALA B 213 7.26 5.00 20.74
N ALA B 214 7.05 4.32 19.62
CA ALA B 214 5.94 3.36 19.44
C ALA B 214 6.29 2.03 20.09
N GLY B 215 7.51 1.85 20.61
CA GLY B 215 7.85 0.62 21.31
C GLY B 215 8.40 -0.50 20.44
N ALA B 216 8.92 -0.20 19.27
CA ALA B 216 9.55 -1.26 18.47
C ALA B 216 10.66 -1.94 19.29
N ALA B 217 10.78 -3.24 19.15
CA ALA B 217 11.85 -4.03 19.80
C ALA B 217 13.15 -3.93 19.01
N ARG B 218 13.09 -3.86 17.69
CA ARG B 218 14.28 -3.86 16.85
C ARG B 218 14.07 -2.76 15.80
N ILE B 219 15.11 -1.97 15.59
CA ILE B 219 15.08 -0.89 14.59
C ILE B 219 16.39 -0.96 13.81
N ILE B 220 16.33 -1.44 12.58
CA ILE B 220 17.55 -1.70 11.78
C ILE B 220 17.72 -0.50 10.85
N GLY B 221 18.77 0.27 11.06
CA GLY B 221 19.07 1.37 10.13
C GLY B 221 19.88 0.88 8.95
N VAL B 222 19.56 1.40 7.80
CA VAL B 222 20.24 0.98 6.58
C VAL B 222 20.75 2.26 5.88
N ASP B 223 22.06 2.34 5.66
CA ASP B 223 22.65 3.47 4.91
C ASP B 223 23.96 3.02 4.28
N ILE B 224 24.26 3.56 3.11
CA ILE B 224 25.56 3.34 2.45
C ILE B 224 26.67 4.19 3.06
N ASN B 225 26.35 5.12 3.91
CA ASN B 225 27.33 6.00 4.57
C ASN B 225 27.39 5.54 6.04
N LYS B 226 28.43 4.77 6.39
CA LYS B 226 28.49 4.24 7.75
C LYS B 226 28.75 5.33 8.79
N ASP B 227 29.11 6.54 8.36
CA ASP B 227 29.27 7.65 9.30
C ASP B 227 27.93 8.07 9.91
N LYS B 228 26.82 7.61 9.34
CA LYS B 228 25.47 7.94 9.84
C LYS B 228 25.05 7.00 10.97
N PHE B 229 25.79 5.91 11.20
CA PHE B 229 25.34 4.85 12.11
C PHE B 229 25.35 5.25 13.58
N ALA B 230 26.39 5.98 14.00
CA ALA B 230 26.49 6.29 15.43
C ALA B 230 25.26 7.05 15.90
N LYS B 231 24.89 8.11 15.16
CA LYS B 231 23.72 8.93 15.56
C LYS B 231 22.43 8.11 15.46
N ALA B 232 22.32 7.25 14.45
CA ALA B 232 21.14 6.39 14.33
C ALA B 232 20.98 5.53 15.61
N LYS B 233 22.08 4.96 16.11
CA LYS B 233 21.98 4.17 17.35
C LYS B 233 21.64 5.08 18.53
N GLU B 234 22.18 6.29 18.59
CA GLU B 234 21.89 7.18 19.72
C GLU B 234 20.38 7.42 19.81
N VAL B 235 19.68 7.53 18.68
CA VAL B 235 18.22 7.86 18.73
C VAL B 235 17.34 6.60 18.68
N GLY B 236 17.91 5.42 18.66
CA GLY B 236 17.11 4.20 18.85
C GLY B 236 17.40 3.04 17.96
N ALA B 237 18.25 3.16 16.93
CA ALA B 237 18.55 1.99 16.11
C ALA B 237 19.25 0.91 16.96
N THR B 238 18.80 -0.31 16.83
CA THR B 238 19.43 -1.43 17.55
C THR B 238 20.57 -2.07 16.78
N GLU B 239 20.53 -1.97 15.45
N GLU B 239 20.70 -1.73 15.51
CA GLU B 239 21.51 -2.54 14.49
CA GLU B 239 21.75 -2.27 14.64
C GLU B 239 21.59 -1.51 13.36
C GLU B 239 21.66 -1.52 13.32
N CYS B 240 22.72 -1.43 12.66
N CYS B 240 22.79 -1.41 12.65
CA CYS B 240 22.86 -0.73 11.36
C CYS B 240 23.59 -1.60 10.36
N VAL B 241 23.14 -1.52 9.12
CA VAL B 241 23.71 -2.31 8.04
C VAL B 241 23.95 -1.41 6.84
N ASN B 242 25.10 -1.64 6.25
CA ASN B 242 25.50 -0.96 4.98
C ASN B 242 25.37 -1.96 3.84
N PRO B 243 24.46 -1.76 2.88
CA PRO B 243 24.36 -2.70 1.78
C PRO B 243 25.66 -3.01 1.03
N GLN B 244 26.59 -2.05 1.01
CA GLN B 244 27.87 -2.21 0.29
C GLN B 244 28.73 -3.29 0.94
N ASP B 245 28.43 -3.64 2.19
CA ASP B 245 29.25 -4.66 2.92
C ASP B 245 28.89 -6.09 2.56
N TYR B 246 27.80 -6.30 1.82
CA TYR B 246 27.21 -7.63 1.60
C TYR B 246 27.31 -8.04 0.13
N LYS B 247 27.50 -9.34 -0.08
CA LYS B 247 27.46 -9.94 -1.43
CA LYS B 247 27.53 -9.92 -1.43
C LYS B 247 25.98 -10.08 -1.86
C LYS B 247 26.18 -10.42 -1.93
N LYS B 248 25.06 -10.40 -0.94
N LYS B 248 25.12 -10.05 -1.23
CA LYS B 248 23.61 -10.56 -1.25
CA LYS B 248 23.76 -10.44 -1.61
C LYS B 248 22.93 -9.20 -1.35
C LYS B 248 22.90 -9.22 -1.36
N PRO B 249 21.78 -9.11 -2.08
N PRO B 249 21.77 -9.11 -2.09
CA PRO B 249 20.92 -7.92 -1.97
C PRO B 249 20.42 -7.71 -0.53
N ILE B 250 20.30 -6.45 -0.14
CA ILE B 250 20.04 -6.16 1.28
C ILE B 250 18.61 -6.61 1.64
N GLN B 251 17.68 -6.74 0.69
CA GLN B 251 16.35 -7.25 1.09
C GLN B 251 16.53 -8.67 1.62
N GLU B 252 17.40 -9.48 1.01
CA GLU B 252 17.63 -10.87 1.48
C GLU B 252 18.27 -10.85 2.87
N VAL B 253 19.22 -9.95 3.07
CA VAL B 253 19.92 -9.81 4.37
C VAL B 253 18.89 -9.46 5.44
N LEU B 254 18.05 -8.48 5.17
CA LEU B 254 17.06 -8.02 6.17
C LEU B 254 16.00 -9.07 6.44
N THR B 255 15.60 -9.82 5.42
CA THR B 255 14.66 -10.92 5.60
C THR B 255 15.28 -11.97 6.52
N GLU B 256 16.53 -12.30 6.30
CA GLU B 256 17.25 -13.29 7.15
C GLU B 256 17.36 -12.77 8.59
N MET B 257 17.74 -11.52 8.75
CA MET B 257 17.98 -10.93 10.08
C MET B 257 16.71 -10.96 10.91
N SER B 258 15.58 -10.74 10.24
CA SER B 258 14.25 -10.66 10.88
C SER B 258 13.52 -11.97 10.83
N ASN B 259 14.20 -13.07 10.53
CA ASN B 259 13.59 -14.41 10.58
C ASN B 259 12.31 -14.42 9.74
N GLY B 260 12.37 -13.84 8.55
CA GLY B 260 11.32 -13.96 7.54
C GLY B 260 10.70 -12.64 7.14
N GLY B 261 11.30 -11.50 7.47
CA GLY B 261 10.82 -10.19 7.01
C GLY B 261 10.48 -9.31 8.18
N VAL B 262 10.56 -8.01 7.98
CA VAL B 262 10.29 -7.03 9.04
C VAL B 262 8.80 -6.71 9.13
N ASP B 263 8.38 -6.19 10.27
CA ASP B 263 6.99 -5.74 10.40
C ASP B 263 6.73 -4.45 9.61
N PHE B 264 7.67 -3.53 9.69
CA PHE B 264 7.50 -2.18 9.12
C PHE B 264 8.81 -1.80 8.44
N SER B 265 8.76 -1.29 7.23
CA SER B 265 9.96 -0.73 6.57
C SER B 265 9.63 0.67 6.07
N PHE B 266 10.65 1.47 5.94
CA PHE B 266 10.52 2.88 5.54
C PHE B 266 11.57 3.20 4.51
N GLU B 267 11.17 3.78 3.39
CA GLU B 267 12.12 4.29 2.41
C GLU B 267 12.24 5.76 2.66
N VAL B 268 13.44 6.20 3.04
CA VAL B 268 13.67 7.60 3.47
C VAL B 268 14.88 8.17 2.75
N ILE B 269 14.95 7.90 1.45
CA ILE B 269 16.09 8.28 0.59
C ILE B 269 15.57 9.02 -0.64
N GLY B 270 14.75 8.35 -1.42
CA GLY B 270 14.26 8.89 -2.71
C GLY B 270 14.82 8.14 -3.89
N ARG B 271 15.00 6.84 -3.83
CA ARG B 271 15.48 6.05 -4.97
C ARG B 271 14.43 5.00 -5.29
N LEU B 272 14.21 4.77 -6.56
CA LEU B 272 13.27 3.74 -7.01
C LEU B 272 13.73 2.38 -6.51
N ASP B 273 15.01 2.06 -6.60
CA ASP B 273 15.49 0.71 -6.23
C ASP B 273 15.27 0.45 -4.72
N THR B 274 15.54 1.41 -3.88
CA THR B 274 15.34 1.24 -2.42
C THR B 274 13.84 1.22 -2.09
N MET B 275 12.97 1.87 -2.87
CA MET B 275 11.53 1.71 -2.59
C MET B 275 11.13 0.25 -2.77
N VAL B 276 11.59 -0.39 -3.83
CA VAL B 276 11.23 -1.82 -4.07
C VAL B 276 11.92 -2.74 -3.04
N THR B 277 13.16 -2.46 -2.71
CA THR B 277 13.91 -3.24 -1.67
C THR B 277 13.16 -3.11 -0.35
N ALA B 278 12.78 -1.90 0.01
CA ALA B 278 12.11 -1.70 1.31
C ALA B 278 10.78 -2.45 1.32
N LEU B 279 10.02 -2.46 0.23
CA LEU B 279 8.78 -3.23 0.21
C LEU B 279 9.13 -4.70 0.38
N SER B 280 10.10 -5.20 -0.37
CA SER B 280 10.40 -6.63 -0.40
C SER B 280 10.86 -7.14 0.97
N CYS B 281 11.56 -6.34 1.77
CA CYS B 281 12.10 -6.80 3.06
C CYS B 281 11.08 -6.89 4.16
N CYS B 282 9.88 -6.34 3.98
N CYS B 282 9.87 -6.41 3.86
CA CYS B 282 8.79 -6.49 4.97
CA CYS B 282 8.68 -6.60 4.71
C CYS B 282 8.10 -7.83 4.75
C CYS B 282 8.24 -8.05 4.67
N GLN B 283 7.65 -8.44 5.84
N GLN B 283 7.66 -8.46 5.78
CA GLN B 283 7.06 -9.80 5.82
C GLN B 283 5.94 -9.89 4.77
N GLU B 284 5.99 -10.95 3.98
CA GLU B 284 5.14 -10.99 2.78
C GLU B 284 3.63 -11.03 3.06
N ALA B 285 3.23 -11.53 4.20
CA ALA B 285 1.81 -11.70 4.55
C ALA B 285 1.22 -10.52 5.30
N TYR B 286 2.02 -9.84 6.13
CA TYR B 286 1.46 -8.80 7.01
C TYR B 286 2.36 -7.59 7.13
N GLY B 287 3.46 -7.52 6.41
CA GLY B 287 4.38 -6.40 6.45
C GLY B 287 3.77 -5.12 5.89
N VAL B 288 4.28 -4.00 6.36
CA VAL B 288 3.86 -2.66 5.87
C VAL B 288 5.13 -1.93 5.48
N SER B 289 5.13 -1.29 4.31
CA SER B 289 6.24 -0.43 3.84
C SER B 289 5.72 0.95 3.52
N VAL B 290 6.42 1.95 4.02
CA VAL B 290 6.02 3.35 3.81
C VAL B 290 7.11 4.04 3.02
N ILE B 291 6.71 4.64 1.90
CA ILE B 291 7.59 5.51 1.10
C ILE B 291 7.51 6.93 1.64
N VAL B 292 8.69 7.45 2.03
CA VAL B 292 8.85 8.82 2.50
C VAL B 292 9.70 9.62 1.53
N GLY B 293 10.72 8.98 0.94
CA GLY B 293 11.61 9.71 0.02
C GLY B 293 10.91 10.22 -1.23
C GLY B 293 10.92 10.21 -1.24
N VAL B 294 11.23 11.46 -1.62
N VAL B 294 11.62 11.15 -1.86
CA VAL B 294 10.69 12.04 -2.89
CA VAL B 294 11.19 11.76 -3.16
C VAL B 294 11.40 11.40 -4.09
C VAL B 294 12.18 11.33 -4.22
N PRO B 295 10.65 10.79 -5.01
N PRO B 295 11.75 10.54 -5.23
CA PRO B 295 11.25 10.10 -6.15
CA PRO B 295 12.66 10.12 -6.29
C PRO B 295 11.72 11.10 -7.20
C PRO B 295 12.65 11.05 -7.48
N PRO B 296 12.61 10.67 -8.13
N PRO B 296 13.55 10.82 -8.47
CA PRO B 296 13.07 11.56 -9.18
CA PRO B 296 13.67 11.70 -9.61
C PRO B 296 11.95 11.85 -10.17
C PRO B 296 12.35 11.81 -10.40
N ASP B 297 11.96 13.05 -10.70
N ASP B 297 11.98 13.07 -10.71
CA ASP B 297 10.83 13.50 -11.53
C ASP B 297 10.54 12.52 -12.67
N SER B 298 9.27 12.14 -12.79
CA SER B 298 8.68 11.41 -13.93
C SER B 298 9.25 10.02 -14.11
N GLN B 299 9.94 9.44 -13.14
CA GLN B 299 10.49 8.08 -13.30
C GLN B 299 9.57 7.07 -12.61
N ASN B 300 9.36 5.97 -13.29
CA ASN B 300 8.56 4.83 -12.79
C ASN B 300 9.48 3.75 -12.24
N LEU B 301 9.01 3.08 -11.20
CA LEU B 301 9.66 1.87 -10.69
C LEU B 301 9.03 0.65 -11.37
N SER B 302 9.72 -0.47 -11.25
CA SER B 302 9.32 -1.79 -11.74
CA SER B 302 9.21 -1.77 -11.73
C SER B 302 9.15 -2.72 -10.54
N MET B 303 8.03 -3.41 -10.42
CA MET B 303 7.92 -4.37 -9.30
C MET B 303 6.98 -5.48 -9.68
N ASN B 304 7.15 -6.60 -8.97
CA ASN B 304 6.30 -7.77 -9.15
C ASN B 304 5.11 -7.69 -8.20
N PRO B 305 3.85 -7.63 -8.71
CA PRO B 305 2.68 -7.44 -7.84
C PRO B 305 2.43 -8.63 -6.92
N MET B 306 3.08 -9.77 -7.12
CA MET B 306 3.00 -10.85 -6.12
C MET B 306 3.50 -10.36 -4.78
N LEU B 307 4.38 -9.36 -4.72
CA LEU B 307 4.80 -8.81 -3.42
C LEU B 307 3.59 -8.30 -2.62
N LEU B 308 2.61 -7.74 -3.31
CA LEU B 308 1.39 -7.25 -2.66
C LEU B 308 0.36 -8.35 -2.49
N LEU B 309 0.17 -9.22 -3.48
CA LEU B 309 -0.88 -10.24 -3.41
C LEU B 309 -0.76 -11.13 -2.20
N SER B 310 0.48 -11.38 -1.75
CA SER B 310 0.65 -12.24 -0.56
C SER B 310 0.15 -11.59 0.72
N GLY B 311 0.01 -10.26 0.73
CA GLY B 311 -0.57 -9.55 1.88
C GLY B 311 0.12 -8.30 2.31
N ARG B 312 1.24 -7.91 1.73
CA ARG B 312 1.90 -6.66 2.09
C ARG B 312 1.03 -5.45 1.80
N THR B 313 1.27 -4.42 2.59
CA THR B 313 0.70 -3.09 2.45
C THR B 313 1.81 -2.13 2.08
N TRP B 314 1.57 -1.33 1.05
CA TRP B 314 2.52 -0.32 0.58
C TRP B 314 1.81 1.05 0.60
N LYS B 315 2.38 2.01 1.23
CA LYS B 315 1.77 3.32 1.22
CA LYS B 315 1.80 3.33 1.53
C LYS B 315 2.88 4.35 1.25
N GLY B 316 2.46 5.59 1.03
CA GLY B 316 3.37 6.73 1.18
C GLY B 316 2.66 7.86 1.88
N ALA B 317 3.39 8.90 2.22
CA ALA B 317 2.73 10.07 2.79
C ALA B 317 3.63 11.28 2.67
N ILE B 318 2.97 12.41 2.65
CA ILE B 318 3.58 13.74 2.80
C ILE B 318 3.43 14.21 4.26
N PHE B 319 4.49 14.76 4.79
CA PHE B 319 4.47 15.42 6.11
C PHE B 319 3.97 14.44 7.19
N GLY B 320 4.38 13.16 7.11
CA GLY B 320 4.09 12.21 8.19
C GLY B 320 2.63 11.94 8.38
N GLY B 321 1.78 12.26 7.40
CA GLY B 321 0.32 12.10 7.54
C GLY B 321 -0.32 13.13 8.43
N PHE B 322 0.39 14.08 8.97
CA PHE B 322 -0.22 15.08 9.87
C PHE B 322 -1.06 16.12 9.13
N LYS B 323 -2.27 16.34 9.57
CA LYS B 323 -3.02 17.53 9.18
C LYS B 323 -2.28 18.74 9.73
N SER B 324 -1.77 19.54 8.85
CA SER B 324 -0.63 20.42 9.19
C SER B 324 -0.98 21.49 10.21
N LYS B 325 -2.06 22.24 10.02
CA LYS B 325 -2.33 23.36 10.90
C LYS B 325 -2.84 22.88 12.26
N ASP B 326 -3.57 21.76 12.30
CA ASP B 326 -3.98 21.18 13.60
C ASP B 326 -2.73 20.67 14.31
N SER B 327 -1.83 20.04 13.57
CA SER B 327 -0.77 19.23 14.23
C SER B 327 0.43 20.06 14.66
N VAL B 328 0.86 21.00 13.85
CA VAL B 328 2.15 21.70 14.13
C VAL B 328 2.13 22.35 15.52
N PRO B 329 1.07 23.04 15.94
CA PRO B 329 1.11 23.66 17.26
C PRO B 329 1.17 22.63 18.38
N LYS B 330 0.52 21.49 18.18
CA LYS B 330 0.55 20.41 19.19
CA LYS B 330 0.55 20.39 19.17
C LYS B 330 1.95 19.78 19.24
N LEU B 331 2.60 19.61 18.11
CA LEU B 331 3.96 19.06 18.10
C LEU B 331 4.88 20.01 18.84
N VAL B 332 4.76 21.31 18.59
CA VAL B 332 5.59 22.30 19.31
C VAL B 332 5.30 22.19 20.82
N ALA B 333 4.04 22.12 21.21
CA ALA B 333 3.69 22.00 22.66
C ALA B 333 4.33 20.72 23.21
N ASP B 334 4.25 19.64 22.46
CA ASP B 334 4.86 18.37 22.90
C ASP B 334 6.37 18.51 23.05
N PHE B 335 7.03 19.23 22.15
CA PHE B 335 8.47 19.46 22.29
C PHE B 335 8.79 20.26 23.56
N MET B 336 8.00 21.28 23.81
CA MET B 336 8.13 22.16 25.00
CA MET B 336 8.28 22.11 25.00
C MET B 336 7.94 21.34 26.28
N ALA B 337 7.10 20.32 26.20
CA ALA B 337 6.80 19.40 27.31
C ALA B 337 7.80 18.22 27.33
N LYS B 338 8.87 18.25 26.56
CA LYS B 338 9.98 17.26 26.54
C LYS B 338 9.50 15.88 26.07
N LYS B 339 8.50 15.81 25.21
CA LYS B 339 7.98 14.53 24.70
C LYS B 339 8.93 13.91 23.66
N PHE B 340 9.71 14.70 22.99
CA PHE B 340 10.72 14.25 22.00
C PHE B 340 11.82 15.29 21.99
N ALA B 341 12.92 14.90 21.37
CA ALA B 341 14.15 15.71 21.22
C ALA B 341 14.40 16.10 19.77
N LEU B 342 14.86 17.32 19.58
CA LEU B 342 15.25 17.83 18.24
C LEU B 342 16.77 17.97 18.10
N ASP B 343 17.47 18.25 19.20
CA ASP B 343 18.94 18.47 19.12
C ASP B 343 19.66 17.35 18.39
N PRO B 344 19.29 16.05 18.52
CA PRO B 344 20.03 15.01 17.80
C PRO B 344 20.06 15.21 16.29
N LEU B 345 19.10 15.94 15.75
CA LEU B 345 19.04 16.16 14.29
C LEU B 345 19.94 17.30 13.85
N ILE B 346 20.34 18.18 14.76
CA ILE B 346 21.01 19.43 14.40
C ILE B 346 22.51 19.22 14.53
N THR B 347 23.21 19.22 13.41
CA THR B 347 24.68 19.02 13.43
C THR B 347 25.44 20.34 13.21
N HIS B 348 24.80 21.35 12.61
CA HIS B 348 25.46 22.59 12.22
C HIS B 348 24.44 23.69 12.37
N VAL B 349 24.92 24.85 12.82
CA VAL B 349 24.11 26.08 12.90
C VAL B 349 24.95 27.15 12.22
N LEU B 350 24.44 27.75 11.13
CA LEU B 350 25.15 28.75 10.33
C LEU B 350 24.30 29.98 10.15
N PRO B 351 24.93 31.15 9.95
CA PRO B 351 24.16 32.30 9.49
C PRO B 351 23.58 32.00 8.09
N PHE B 352 22.42 32.62 7.83
CA PHE B 352 21.72 32.48 6.54
C PHE B 352 22.65 32.73 5.35
N GLU B 353 23.54 33.71 5.49
CA GLU B 353 24.47 34.10 4.41
C GLU B 353 25.34 32.90 3.97
N LYS B 354 25.47 31.86 4.79
CA LYS B 354 26.28 30.63 4.52
C LYS B 354 25.41 29.51 3.96
N ILE B 355 24.24 29.84 3.37
CA ILE B 355 23.37 28.81 2.78
C ILE B 355 24.15 27.85 1.86
N ASN B 356 24.98 28.31 0.96
CA ASN B 356 25.66 27.38 0.02
C ASN B 356 26.59 26.42 0.78
N GLU B 357 27.26 26.91 1.82
CA GLU B 357 28.13 26.06 2.63
C GLU B 357 27.25 24.99 3.32
N GLY B 358 26.05 25.38 3.75
CA GLY B 358 25.09 24.44 4.35
C GLY B 358 24.68 23.35 3.39
N PHE B 359 24.42 23.71 2.14
CA PHE B 359 24.09 22.69 1.13
C PHE B 359 25.29 21.81 0.81
N ASP B 360 26.49 22.37 0.81
CA ASP B 360 27.71 21.57 0.54
C ASP B 360 27.87 20.54 1.67
N LEU B 361 27.57 20.92 2.91
CA LEU B 361 27.65 19.98 4.06
C LEU B 361 26.66 18.83 3.81
N LEU B 362 25.46 19.12 3.35
CA LEU B 362 24.50 18.04 3.13
C LEU B 362 25.00 17.13 2.02
N ARG B 363 25.41 17.73 0.91
CA ARG B 363 25.78 16.96 -0.28
C ARG B 363 27.00 16.07 0.00
N SER B 364 27.92 16.54 0.84
CA SER B 364 29.16 15.79 1.16
C SER B 364 28.89 14.62 2.10
N GLY B 365 27.72 14.53 2.71
CA GLY B 365 27.40 13.48 3.67
C GLY B 365 27.78 13.87 5.09
C GLY B 365 27.67 13.89 5.11
N GLU B 366 28.14 15.13 5.32
N GLU B 366 28.31 15.04 5.35
CA GLU B 366 28.81 15.56 6.58
CA GLU B 366 28.73 15.41 6.73
C GLU B 366 27.80 16.15 7.59
C GLU B 366 27.52 15.68 7.65
N SER B 367 26.57 16.46 7.17
N SER B 367 26.57 16.46 7.19
CA SER B 367 25.54 17.03 8.09
C SER B 367 24.31 16.12 8.13
N ILE B 368 23.53 16.37 9.17
CA ILE B 368 22.12 15.92 9.22
C ILE B 368 21.30 17.16 8.89
N ARG B 369 20.94 17.96 9.88
CA ARG B 369 20.32 19.27 9.61
C ARG B 369 21.30 20.36 9.98
N THR B 370 21.49 21.26 9.03
CA THR B 370 21.99 22.61 9.26
C THR B 370 20.79 23.51 9.43
N ILE B 371 20.85 24.28 10.50
CA ILE B 371 19.87 25.36 10.74
C ILE B 371 20.56 26.64 10.33
N LEU B 372 19.89 27.40 9.46
CA LEU B 372 20.35 28.73 9.06
C LEU B 372 19.60 29.75 9.92
N THR B 373 20.35 30.70 10.45
CA THR B 373 19.76 31.74 11.32
C THR B 373 19.84 33.10 10.66
N PHE B 374 18.73 33.82 10.70
CA PHE B 374 18.63 35.14 10.03
C PHE B 374 19.22 36.24 10.89
ZN ZN C . -9.66 -19.51 -6.88
ZN ZN D . 0.97 -21.28 9.26
PA NAJ E . -13.40 -14.16 -14.21
O1A NAJ E . -12.56 -14.46 -15.42
O2A NAJ E . -14.70 -14.77 -14.06
O5B NAJ E . -13.65 -12.63 -14.11
C5B NAJ E . -12.73 -11.63 -14.60
C4B NAJ E . -13.55 -10.50 -15.24
O4B NAJ E . -12.59 -9.53 -15.68
C3B NAJ E . -14.39 -10.93 -16.45
O3B NAJ E . -15.76 -10.65 -16.25
C2B NAJ E . -13.78 -10.11 -17.58
O2B NAJ E . -14.65 -9.71 -18.62
C1B NAJ E . -13.14 -8.95 -16.85
N9A NAJ E . -12.07 -8.32 -17.60
C8A NAJ E . -11.10 -8.91 -18.38
N7A NAJ E . -10.29 -7.95 -18.84
C5A NAJ E . -10.70 -6.77 -18.39
C6A NAJ E . -10.27 -5.41 -18.58
N6A NAJ E . -9.24 -5.09 -19.30
N1A NAJ E . -10.93 -4.51 -17.90
C2A NAJ E . -12.02 -4.77 -17.13
N3A NAJ E . -12.53 -6.02 -16.98
C4A NAJ E . -11.86 -6.96 -17.61
O3 NAJ E . -12.45 -14.49 -12.97
PN NAJ E . -12.68 -14.76 -11.39
O1N NAJ E . -12.83 -16.21 -11.14
O2N NAJ E . -13.66 -13.78 -10.88
O5D NAJ E . -11.21 -14.39 -10.91
C5D NAJ E . -10.75 -13.02 -11.04
C4D NAJ E . -9.25 -12.96 -10.79
O4D NAJ E . -9.05 -13.17 -9.37
C3D NAJ E . -8.42 -13.99 -11.50
O3D NAJ E . -7.15 -13.44 -11.87
C2D NAJ E . -8.15 -15.06 -10.45
O2D NAJ E . -7.02 -15.82 -10.71
C1D NAJ E . -8.06 -14.19 -9.22
N1N NAJ E . -8.32 -14.85 -7.92
C2N NAJ E . -7.54 -14.50 -6.86
C3N NAJ E . -7.78 -15.02 -5.62
C7N NAJ E . -6.96 -14.59 -4.45
O7N NAJ E . -6.93 -15.30 -3.46
N7N NAJ E . -6.32 -13.43 -4.50
C4N NAJ E . -8.84 -15.91 -5.46
C5N NAJ E . -9.70 -16.19 -6.52
C6N NAJ E . -9.42 -15.63 -7.80
C1 ETF F . -5.61 -18.42 -6.24
C2 ETF F . -7.02 -18.78 -5.92
O ETF F . -7.94 -18.63 -6.95
F1 ETF F . -5.55 -17.09 -6.59
F2 ETF F . -4.82 -18.73 -5.17
F3 ETF F . -5.09 -18.99 -7.24
C1 MRD G . -28.38 -11.26 0.13
C2 MRD G . -28.27 -10.90 1.61
O2 MRD G . -28.20 -12.19 2.28
CM MRD G . -26.99 -10.11 1.83
C3 MRD G . -29.48 -10.12 2.11
C4 MRD G . -29.34 -9.46 3.51
O4 MRD G . -29.00 -10.36 4.56
C5 MRD G . -30.59 -8.75 3.97
C1 MRD H . -24.75 8.96 -7.14
C1 MRD H . -27.52 7.46 -8.51
C2 MRD H . -24.96 9.27 -8.61
C2 MRD H . -26.04 7.51 -8.86
O2 MRD H . -26.18 10.04 -8.69
O2 MRD H . -25.26 7.11 -7.72
CM MRD H . -23.85 10.16 -9.16
CM MRD H . -25.71 6.54 -9.99
C3 MRD H . -25.05 7.98 -9.43
C3 MRD H . -25.62 8.93 -9.21
C4 MRD H . -26.00 6.89 -8.92
C4 MRD H . -25.31 9.69 -7.96
O4 MRD H . -25.41 6.08 -7.89
O4 MRD H . -26.30 10.71 -7.80
C5 MRD H . -26.45 5.99 -10.03
C5 MRD H . -23.93 10.27 -7.96
C1 MRD I . -29.66 -24.07 -11.86
C2 MRD I . -28.93 -22.75 -11.71
O2 MRD I . -27.82 -22.78 -12.63
CM MRD I . -29.79 -21.57 -12.14
C3 MRD I . -28.30 -22.59 -10.31
C4 MRD I . -28.87 -21.62 -9.28
O4 MRD I . -28.14 -20.40 -9.22
C5 MRD I . -28.80 -22.15 -7.88
ZN ZN J . 11.35 18.78 3.54
ZN ZN K . -7.87 21.25 2.18
PA NAJ L . 19.36 13.12 3.59
O1A NAJ L . 20.08 13.32 2.31
O2A NAJ L . 19.82 13.82 4.81
O5B NAJ L . 19.39 11.58 3.96
C5B NAJ L . 19.37 10.53 2.95
C4B NAJ L . 20.20 9.38 3.46
O4B NAJ L . 20.09 8.34 2.49
C3B NAJ L . 21.69 9.73 3.56
O3B NAJ L . 22.19 9.50 4.87
C2B NAJ L . 22.35 8.83 2.50
O2B NAJ L . 23.66 8.39 2.80
C1B NAJ L . 21.34 7.71 2.38
N9A NAJ L . 21.39 6.98 1.12
C8A NAJ L . 21.65 7.48 -0.12
N7A NAJ L . 21.58 6.50 -1.04
C5A NAJ L . 21.36 5.35 -0.32
C6A NAJ L . 21.23 3.94 -0.72
N6A NAJ L . 21.33 3.55 -1.97
N1A NAJ L . 21.02 3.10 0.26
C2A NAJ L . 20.85 3.47 1.54
N3A NAJ L . 21.03 4.72 1.99
C4A NAJ L . 21.23 5.64 1.04
O3 NAJ L . 17.85 13.45 3.32
PN NAJ L . 16.60 13.84 4.24
O1N NAJ L . 16.51 15.31 4.39
O2N NAJ L . 16.59 12.95 5.44
O5D NAJ L . 15.43 13.45 3.24
C5D NAJ L . 15.29 12.06 2.88
C4D NAJ L . 14.27 11.96 1.73
O4D NAJ L . 12.97 12.25 2.24
C3D NAJ L . 14.54 12.88 0.53
O3D NAJ L . 14.19 12.25 -0.71
C2D NAJ L . 13.54 13.99 0.78
O2D NAJ L . 13.22 14.70 -0.40
C1D NAJ L . 12.38 13.23 1.37
N1N NAJ L . 11.42 13.99 2.15
C2N NAJ L . 10.09 13.71 2.03
C3N NAJ L . 9.15 14.30 2.81
C7N NAJ L . 7.71 13.93 2.77
O7N NAJ L . 6.86 14.72 3.17
N7N NAJ L . 7.40 12.73 2.25
C4N NAJ L . 9.59 15.26 3.77
C5N NAJ L . 10.94 15.46 3.95
C6N NAJ L . 11.86 14.83 3.16
C1 ETF M . 8.70 17.54 0.43
C2 ETF M . 9.13 18.00 1.80
O ETF M . 10.51 17.84 2.03
F1 ETF M . 8.92 16.20 0.27
F2 ETF M . 7.40 17.84 0.23
F3 ETF M . 9.35 18.04 -0.56
C1 MRD N . 13.87 10.55 25.75
C2 MRD N . 12.84 11.35 24.97
O2 MRD N . 12.86 10.90 23.61
CM MRD N . 11.44 11.10 25.51
C3 MRD N . 13.17 12.84 24.92
C4 MRD N . 13.71 13.45 26.19
O4 MRD N . 13.35 14.84 26.21
C5 MRD N . 15.20 13.36 26.38
#